data_7ZTB
#
_entry.id   7ZTB
#
_cell.length_a   49.573
_cell.length_b   136.196
_cell.length_c   57.782
_cell.angle_alpha   90.00
_cell.angle_beta   102.70
_cell.angle_gamma   90.00
#
_symmetry.space_group_name_H-M   'P 1 21 1'
#
loop_
_entity.id
_entity.type
_entity.pdbx_description
1 polymer 'RelA/SpoT family protein'
2 non-polymer 'CHLORIDE ION'
3 non-polymer 'SODIUM ION'
4 water water
#
_entity_poly.entity_id   1
_entity_poly.type   'polypeptide(L)'
_entity_poly.pdbx_seq_one_letter_code
;MGSEVYQSQKCELKYSKSQIEKAARKIRHGCEGAEREEAIKMIQNFRELHLYPLMLMKNHLDRAAKKVDKENKIIVARRL
KRLSTIIDKLERPSLDGGATNNAIALTRMQDIGGCRAIVRNIEQLKKLKDRLVKSRSKHKILKEYDYLTPKPSGYSGIHL
AYSCFDEENGNNPWSKTKIEVQLRTELQHAWATSLEIIDTLENIKLKTSNEGHPEWRRFFYLSGCLVAHDEGACILDDET
IKNYQTELKTLEEALSVRSKLSTYTFAMKLTSDANLKKSLPKNHNGFFLVRMRNAITKNGKDTGKFLVSVKPFRKKESEQ
ALQELNKDDADPEVLIAVLLATNNIKSLKKAYPNYFGSTNQFGRFLSRHIDTV
;
_entity_poly.pdbx_strand_id   A,B
#
# COMPACT_ATOMS: atom_id res chain seq x y z
N LYS A 14 -27.94 6.35 -31.21
CA LYS A 14 -28.80 5.44 -31.96
C LYS A 14 -28.55 3.94 -31.63
N TYR A 15 -27.63 3.65 -30.70
CA TYR A 15 -27.31 2.27 -30.30
C TYR A 15 -27.54 2.03 -28.80
N SER A 16 -27.70 0.75 -28.39
CA SER A 16 -27.88 0.38 -27.00
C SER A 16 -26.52 0.20 -26.30
N LYS A 17 -26.47 0.29 -24.96
CA LYS A 17 -25.21 0.12 -24.22
C LYS A 17 -24.60 -1.27 -24.40
N SER A 18 -25.46 -2.30 -24.58
CA SER A 18 -25.02 -3.68 -24.82
C SER A 18 -24.41 -3.80 -26.21
N GLN A 19 -24.97 -3.07 -27.21
CA GLN A 19 -24.46 -3.04 -28.58
C GLN A 19 -23.06 -2.42 -28.60
N ILE A 20 -22.86 -1.35 -27.82
CA ILE A 20 -21.60 -0.61 -27.68
C ILE A 20 -20.57 -1.47 -26.96
N GLU A 21 -20.97 -2.19 -25.90
CA GLU A 21 -20.07 -3.09 -25.20
C GLU A 21 -19.68 -4.27 -26.10
N LYS A 22 -20.62 -4.76 -26.92
CA LYS A 22 -20.36 -5.85 -27.85
C LYS A 22 -19.40 -5.38 -28.93
N ALA A 23 -19.57 -4.15 -29.45
CA ALA A 23 -18.67 -3.60 -30.47
C ALA A 23 -17.26 -3.44 -29.92
N ALA A 24 -17.12 -3.00 -28.66
CA ALA A 24 -15.79 -2.87 -28.06
C ALA A 24 -15.12 -4.24 -27.92
N ARG A 25 -15.91 -5.29 -27.64
CA ARG A 25 -15.42 -6.65 -27.52
C ARG A 25 -14.98 -7.13 -28.90
N LYS A 26 -15.82 -6.90 -29.93
CA LYS A 26 -15.54 -7.27 -31.31
C LYS A 26 -14.36 -6.54 -31.92
N ILE A 27 -13.88 -5.43 -31.30
CA ILE A 27 -12.68 -4.74 -31.79
C ILE A 27 -11.44 -5.29 -31.06
N ARG A 28 -11.60 -5.65 -29.76
CA ARG A 28 -10.55 -6.27 -28.98
C ARG A 28 -10.21 -7.66 -29.55
N HIS A 29 -11.25 -8.40 -30.04
CA HIS A 29 -11.22 -9.75 -30.62
C HIS A 29 -10.99 -9.83 -32.12
N GLY A 30 -10.58 -8.72 -32.73
CA GLY A 30 -10.36 -8.69 -34.17
C GLY A 30 -11.67 -8.53 -34.91
N CYS A 31 -11.63 -7.79 -35.99
CA CYS A 31 -12.82 -7.45 -36.76
C CYS A 31 -12.42 -7.18 -38.21
N GLU A 32 -13.35 -7.33 -39.18
CA GLU A 32 -13.01 -7.00 -40.57
C GLU A 32 -14.18 -6.79 -41.50
N GLY A 33 -14.05 -5.76 -42.34
CA GLY A 33 -15.04 -5.43 -43.36
C GLY A 33 -16.28 -4.73 -42.84
N ALA A 34 -17.45 -5.20 -43.27
CA ALA A 34 -18.75 -4.66 -42.88
C ALA A 34 -18.99 -4.79 -41.37
N GLU A 35 -18.43 -5.84 -40.75
CA GLU A 35 -18.53 -6.08 -39.32
C GLU A 35 -17.77 -4.97 -38.58
N ARG A 36 -16.58 -4.59 -39.09
CA ARG A 36 -15.77 -3.52 -38.49
C ARG A 36 -16.41 -2.17 -38.68
N GLU A 37 -16.95 -1.87 -39.87
CA GLU A 37 -17.61 -0.58 -40.11
C GLU A 37 -18.77 -0.33 -39.13
N GLU A 38 -19.55 -1.39 -38.84
CA GLU A 38 -20.66 -1.35 -37.91
C GLU A 38 -20.15 -1.17 -36.46
N ALA A 39 -19.03 -1.82 -36.11
CA ALA A 39 -18.44 -1.75 -34.77
C ALA A 39 -17.82 -0.39 -34.51
N ILE A 40 -17.13 0.17 -35.49
CA ILE A 40 -16.51 1.49 -35.38
C ILE A 40 -17.60 2.59 -35.36
N LYS A 41 -18.74 2.36 -36.05
CA LYS A 41 -19.89 3.27 -36.03
C LYS A 41 -20.54 3.24 -34.63
N MET A 42 -20.57 2.06 -33.99
CA MET A 42 -21.12 1.84 -32.66
C MET A 42 -20.28 2.60 -31.63
N ILE A 43 -18.95 2.45 -31.67
CA ILE A 43 -18.08 3.15 -30.74
C ILE A 43 -17.97 4.67 -31.04
N GLN A 44 -18.04 5.07 -32.33
CA GLN A 44 -17.98 6.49 -32.70
C GLN A 44 -19.21 7.23 -32.20
N ASN A 45 -20.37 6.56 -32.24
CA ASN A 45 -21.65 7.05 -31.74
C ASN A 45 -21.57 7.29 -30.24
N PHE A 46 -20.97 6.34 -29.52
CA PHE A 46 -20.76 6.40 -28.08
C PHE A 46 -19.82 7.54 -27.73
N ARG A 47 -18.76 7.73 -28.53
CA ARG A 47 -17.80 8.81 -28.36
C ARG A 47 -18.44 10.17 -28.59
N GLU A 48 -19.16 10.39 -29.71
CA GLU A 48 -19.80 11.68 -29.93
C GLU A 48 -21.04 11.91 -29.04
N LEU A 49 -21.50 10.88 -28.29
CA LEU A 49 -22.54 11.07 -27.28
C LEU A 49 -21.95 11.89 -26.07
N HIS A 50 -20.63 11.83 -25.85
CA HIS A 50 -20.00 12.61 -24.78
C HIS A 50 -19.73 14.07 -25.16
N LEU A 51 -19.86 14.42 -26.44
CA LEU A 51 -19.60 15.76 -26.91
C LEU A 51 -20.50 16.82 -26.30
N TYR A 52 -21.83 16.58 -26.25
CA TYR A 52 -22.76 17.55 -25.68
C TYR A 52 -22.51 17.74 -24.18
N PRO A 53 -22.57 16.70 -23.33
CA PRO A 53 -22.27 16.92 -21.90
C PRO A 53 -20.86 17.46 -21.66
N LEU A 54 -19.89 17.19 -22.57
CA LEU A 54 -18.53 17.74 -22.46
C LEU A 54 -18.54 19.27 -22.63
N MET A 55 -19.18 19.75 -23.71
CA MET A 55 -19.30 21.18 -23.95
C MET A 55 -20.17 21.86 -22.88
N LEU A 56 -21.10 21.13 -22.28
CA LEU A 56 -22.00 21.62 -21.25
C LEU A 56 -21.23 21.83 -19.98
N MET A 57 -20.41 20.84 -19.60
CA MET A 57 -19.59 20.87 -18.38
C MET A 57 -18.44 21.87 -18.45
N LYS A 58 -17.96 22.16 -19.66
CA LYS A 58 -16.96 23.17 -19.93
C LYS A 58 -17.55 24.53 -19.63
N ASN A 59 -18.85 24.77 -19.95
CA ASN A 59 -19.51 26.04 -19.66
C ASN A 59 -19.94 26.13 -18.18
N HIS A 60 -20.39 25.01 -17.57
CA HIS A 60 -20.75 24.96 -16.14
C HIS A 60 -19.52 25.30 -15.29
N LEU A 61 -18.36 24.72 -15.66
CA LEU A 61 -17.08 24.89 -15.00
C LEU A 61 -16.55 26.33 -15.17
N ASP A 62 -16.63 26.88 -16.39
CA ASP A 62 -16.25 28.24 -16.74
C ASP A 62 -17.05 29.23 -15.89
N ARG A 63 -18.37 28.97 -15.73
CA ARG A 63 -19.28 29.80 -14.95
C ARG A 63 -18.86 29.80 -13.48
N ALA A 64 -18.43 28.65 -12.95
CA ALA A 64 -17.97 28.52 -11.58
C ALA A 64 -16.64 29.26 -11.40
N ALA A 65 -15.70 29.09 -12.36
CA ALA A 65 -14.38 29.72 -12.38
C ALA A 65 -14.46 31.23 -12.37
N LYS A 66 -15.44 31.79 -13.09
CA LYS A 66 -15.66 33.23 -13.16
C LYS A 66 -16.23 33.81 -11.86
N LYS A 67 -16.90 32.98 -11.04
CA LYS A 67 -17.39 33.41 -9.75
C LYS A 67 -16.25 33.34 -8.73
N VAL A 68 -15.38 32.30 -8.82
CA VAL A 68 -14.22 32.13 -7.93
C VAL A 68 -13.19 33.27 -8.16
N ASP A 69 -12.73 33.45 -9.41
CA ASP A 69 -11.78 34.50 -9.73
C ASP A 69 -12.47 35.56 -10.55
N LYS A 70 -12.83 36.69 -9.92
CA LYS A 70 -13.52 37.81 -10.59
C LYS A 70 -12.73 38.36 -11.80
N GLU A 71 -11.38 38.17 -11.79
CA GLU A 71 -10.49 38.65 -12.85
C GLU A 71 -10.53 37.84 -14.15
N ASN A 72 -11.26 36.68 -14.16
CA ASN A 72 -11.39 35.80 -15.33
C ASN A 72 -10.01 35.28 -15.85
N LYS A 73 -9.14 34.83 -14.94
CA LYS A 73 -7.82 34.34 -15.30
C LYS A 73 -7.67 32.80 -15.20
N ILE A 74 -8.65 32.10 -14.58
CA ILE A 74 -8.63 30.63 -14.45
C ILE A 74 -8.89 30.09 -15.84
N ILE A 75 -7.99 29.28 -16.40
CA ILE A 75 -8.13 28.75 -17.75
C ILE A 75 -8.91 27.44 -17.79
N VAL A 76 -10.03 27.42 -18.55
CA VAL A 76 -10.84 26.23 -18.71
C VAL A 76 -10.69 25.63 -20.15
N ALA A 77 -10.51 24.32 -20.24
CA ALA A 77 -10.37 23.64 -21.53
C ALA A 77 -11.14 22.31 -21.54
N ARG A 78 -11.52 21.84 -22.72
CA ARG A 78 -12.20 20.55 -22.86
C ARG A 78 -11.46 19.69 -23.89
N ARG A 79 -11.61 18.37 -23.79
CA ARG A 79 -10.95 17.45 -24.71
C ARG A 79 -11.74 16.18 -24.87
N LEU A 80 -12.12 15.88 -26.09
CA LEU A 80 -12.80 14.64 -26.40
C LEU A 80 -11.73 13.69 -26.96
N LYS A 81 -11.61 12.49 -26.37
CA LYS A 81 -10.70 11.43 -26.80
C LYS A 81 -10.99 11.11 -28.27
N ARG A 82 -9.96 11.05 -29.12
CA ARG A 82 -10.11 10.77 -30.54
C ARG A 82 -10.57 9.34 -30.77
N LEU A 83 -11.36 9.10 -31.83
CA LEU A 83 -11.87 7.75 -32.17
C LEU A 83 -10.72 6.79 -32.36
N SER A 84 -9.64 7.26 -33.01
CA SER A 84 -8.41 6.52 -33.25
C SER A 84 -7.76 6.07 -31.93
N THR A 85 -7.73 6.95 -30.92
CA THR A 85 -7.17 6.67 -29.61
C THR A 85 -7.98 5.61 -28.87
N ILE A 86 -9.32 5.66 -29.02
CA ILE A 86 -10.23 4.70 -28.37
C ILE A 86 -10.05 3.30 -28.97
N ILE A 87 -9.99 3.22 -30.31
CA ILE A 87 -9.80 1.94 -31.00
C ILE A 87 -8.45 1.33 -30.68
N ASP A 88 -7.39 2.14 -30.64
CA ASP A 88 -6.05 1.64 -30.31
C ASP A 88 -5.97 1.08 -28.89
N LYS A 89 -6.76 1.64 -27.95
CA LYS A 89 -6.79 1.15 -26.57
C LYS A 89 -7.49 -0.21 -26.49
N LEU A 90 -8.55 -0.41 -27.30
CA LEU A 90 -9.28 -1.67 -27.37
C LEU A 90 -8.49 -2.73 -28.13
N GLU A 91 -7.71 -2.31 -29.15
CA GLU A 91 -6.86 -3.20 -29.94
C GLU A 91 -5.66 -3.68 -29.10
N ARG A 92 -4.97 -2.75 -28.40
CA ARG A 92 -3.81 -3.10 -27.58
C ARG A 92 -4.22 -3.24 -26.12
N ILE A 104 -10.64 -2.21 -18.19
CA ILE A 104 -11.21 -0.91 -18.44
C ILE A 104 -12.29 -0.95 -19.54
N ALA A 105 -13.51 -1.37 -19.21
CA ALA A 105 -14.62 -1.48 -20.15
C ALA A 105 -14.95 -0.13 -20.76
N LEU A 106 -15.34 -0.11 -22.05
CA LEU A 106 -15.66 1.11 -22.79
C LEU A 106 -16.74 1.99 -22.13
N THR A 107 -17.89 1.39 -21.76
CA THR A 107 -18.98 2.13 -21.15
C THR A 107 -18.68 2.64 -19.74
N ARG A 108 -17.72 2.00 -19.05
CA ARG A 108 -17.33 2.38 -17.69
C ARG A 108 -16.26 3.52 -17.63
N MET A 109 -15.71 3.92 -18.79
CA MET A 109 -14.68 4.96 -18.90
C MET A 109 -15.15 6.35 -18.49
N GLN A 110 -14.33 7.06 -17.72
CA GLN A 110 -14.66 8.44 -17.31
C GLN A 110 -13.84 9.51 -18.05
N ASP A 111 -12.82 9.10 -18.84
CA ASP A 111 -11.90 9.96 -19.57
C ASP A 111 -12.29 10.29 -21.00
N ILE A 112 -13.38 9.69 -21.55
CA ILE A 112 -13.78 9.98 -22.96
C ILE A 112 -13.94 11.49 -23.19
N GLY A 113 -14.54 12.12 -22.20
CA GLY A 113 -14.69 13.56 -22.16
C GLY A 113 -14.00 14.04 -20.90
N GLY A 114 -13.22 15.09 -21.03
CA GLY A 114 -12.56 15.69 -19.89
C GLY A 114 -12.44 17.19 -19.96
N CYS A 115 -12.63 17.86 -18.82
CA CYS A 115 -12.50 19.31 -18.66
C CYS A 115 -11.34 19.57 -17.71
N ARG A 116 -10.70 20.73 -17.87
CA ARG A 116 -9.57 21.07 -17.02
C ARG A 116 -9.61 22.54 -16.63
N ALA A 117 -9.56 22.84 -15.35
CA ALA A 117 -9.52 24.21 -14.88
C ALA A 117 -8.13 24.46 -14.24
N ILE A 118 -7.40 25.45 -14.75
CA ILE A 118 -6.08 25.79 -14.24
C ILE A 118 -6.18 27.09 -13.46
N VAL A 119 -5.96 27.00 -12.14
CA VAL A 119 -6.02 28.09 -11.18
C VAL A 119 -4.60 28.55 -10.76
N ARG A 120 -4.48 29.72 -10.08
CA ARG A 120 -3.16 30.22 -9.72
C ARG A 120 -2.57 29.56 -8.46
N ASN A 121 -3.42 29.19 -7.47
CA ASN A 121 -2.92 28.63 -6.22
C ASN A 121 -3.86 27.60 -5.59
N ILE A 122 -3.39 26.90 -4.54
CA ILE A 122 -4.18 25.91 -3.80
C ILE A 122 -5.45 26.53 -3.19
N GLU A 123 -5.38 27.78 -2.72
CA GLU A 123 -6.55 28.47 -2.15
C GLU A 123 -7.67 28.57 -3.19
N GLN A 124 -7.31 29.05 -4.39
CA GLN A 124 -8.22 29.21 -5.50
C GLN A 124 -8.76 27.86 -6.00
N LEU A 125 -7.93 26.78 -5.92
CA LEU A 125 -8.30 25.41 -6.30
C LEU A 125 -9.40 24.89 -5.37
N LYS A 126 -9.19 25.00 -4.04
CA LYS A 126 -10.16 24.54 -3.04
C LYS A 126 -11.49 25.31 -3.14
N LYS A 127 -11.46 26.65 -3.44
CA LYS A 127 -12.66 27.49 -3.63
C LYS A 127 -13.51 27.00 -4.81
N LEU A 128 -12.87 26.73 -5.96
CA LEU A 128 -13.52 26.23 -7.17
C LEU A 128 -14.01 24.82 -6.92
N LYS A 129 -13.26 23.96 -6.19
CA LYS A 129 -13.75 22.60 -5.91
C LYS A 129 -15.05 22.67 -5.08
N ASP A 130 -15.06 23.53 -4.06
CA ASP A 130 -16.22 23.68 -3.18
C ASP A 130 -17.39 24.31 -3.90
N ARG A 131 -17.12 25.24 -4.83
CA ARG A 131 -18.15 25.89 -5.62
C ARG A 131 -18.86 24.87 -6.49
N LEU A 132 -18.13 23.91 -7.04
CA LEU A 132 -18.64 22.84 -7.89
C LEU A 132 -19.42 21.78 -7.08
N VAL A 133 -18.97 21.51 -5.85
CA VAL A 133 -19.58 20.56 -4.95
C VAL A 133 -20.90 21.10 -4.41
N LYS A 134 -20.92 22.37 -3.93
CA LYS A 134 -22.11 23.01 -3.38
C LYS A 134 -23.18 23.28 -4.43
N SER A 135 -22.78 23.43 -5.71
CA SER A 135 -23.68 23.67 -6.85
C SER A 135 -24.75 22.57 -6.99
N ARG A 136 -25.93 22.93 -7.49
CA ARG A 136 -27.02 21.96 -7.64
C ARG A 136 -27.49 21.84 -9.08
N SER A 137 -26.97 20.86 -9.81
CA SER A 137 -27.34 20.64 -11.20
C SER A 137 -27.73 19.16 -11.41
N LYS A 138 -28.26 18.83 -12.60
CA LYS A 138 -28.59 17.45 -12.92
C LYS A 138 -27.31 16.56 -13.08
N HIS A 139 -26.12 17.16 -12.95
CA HIS A 139 -24.80 16.58 -13.13
C HIS A 139 -24.16 16.32 -11.78
N LYS A 140 -24.07 15.04 -11.41
CA LYS A 140 -23.61 14.62 -10.10
C LYS A 140 -22.14 14.15 -9.99
N ILE A 141 -21.44 14.58 -8.94
CA ILE A 141 -20.07 14.10 -8.70
C ILE A 141 -20.16 12.72 -8.04
N LEU A 142 -19.78 11.65 -8.77
CA LEU A 142 -19.83 10.30 -8.21
C LEU A 142 -18.68 10.06 -7.25
N LYS A 143 -17.47 10.48 -7.62
CA LYS A 143 -16.30 10.30 -6.77
C LYS A 143 -15.42 11.52 -6.85
N GLU A 144 -14.78 11.89 -5.74
CA GLU A 144 -13.85 13.01 -5.71
C GLU A 144 -12.46 12.43 -5.46
N TYR A 145 -11.58 12.50 -6.45
CA TYR A 145 -10.23 11.96 -6.37
C TYR A 145 -9.28 13.04 -5.88
N ASP A 146 -8.93 13.02 -4.57
CA ASP A 146 -8.06 14.04 -4.00
C ASP A 146 -6.59 13.64 -4.05
N TYR A 147 -5.87 14.22 -5.02
CA TYR A 147 -4.46 13.98 -5.21
C TYR A 147 -3.63 15.17 -4.74
N LEU A 148 -4.07 15.91 -3.69
CA LEU A 148 -3.22 16.98 -3.14
C LEU A 148 -1.91 16.38 -2.54
N THR A 149 -1.97 15.12 -2.12
CA THR A 149 -0.77 14.37 -1.76
C THR A 149 -0.46 13.67 -3.11
N PRO A 150 0.74 13.90 -3.65
CA PRO A 150 1.07 13.32 -4.97
C PRO A 150 0.84 11.81 -5.16
N LYS A 151 0.34 11.44 -6.35
CA LYS A 151 0.17 10.05 -6.78
C LYS A 151 1.56 9.41 -6.90
N PRO A 152 1.69 8.06 -6.99
CA PRO A 152 3.04 7.45 -7.09
C PRO A 152 3.90 8.00 -8.23
N SER A 153 3.27 8.57 -9.26
CA SER A 153 3.92 9.16 -10.44
C SER A 153 4.46 10.56 -10.19
N GLY A 154 3.99 11.24 -9.14
CA GLY A 154 4.32 12.61 -8.79
C GLY A 154 3.17 13.59 -9.03
N TYR A 155 2.09 13.15 -9.71
CA TYR A 155 0.97 14.03 -10.03
C TYR A 155 0.17 14.51 -8.84
N SER A 156 -0.20 15.81 -8.86
CA SER A 156 -1.01 16.48 -7.86
C SER A 156 -2.14 17.38 -8.48
N GLY A 157 -3.29 17.38 -7.84
CA GLY A 157 -4.48 18.12 -8.25
C GLY A 157 -5.70 17.46 -7.65
N ILE A 158 -6.89 17.76 -8.17
CA ILE A 158 -8.12 17.11 -7.69
C ILE A 158 -8.96 16.76 -8.87
N HIS A 159 -9.46 15.52 -8.95
CA HIS A 159 -10.33 15.12 -10.06
C HIS A 159 -11.76 14.88 -9.58
N LEU A 160 -12.75 15.41 -10.30
CA LEU A 160 -14.14 15.22 -9.96
C LEU A 160 -14.70 14.40 -11.06
N ALA A 161 -15.19 13.18 -10.77
CA ALA A 161 -15.77 12.31 -11.77
C ALA A 161 -17.27 12.60 -11.80
N TYR A 162 -17.80 13.05 -12.94
CA TYR A 162 -19.22 13.39 -13.04
C TYR A 162 -19.99 12.35 -13.82
N SER A 163 -21.26 12.24 -13.46
CA SER A 163 -22.26 11.46 -14.15
C SER A 163 -23.27 12.55 -14.55
N CYS A 164 -23.15 13.09 -15.76
CA CYS A 164 -24.04 14.16 -16.24
C CYS A 164 -25.45 13.60 -16.41
N PHE A 165 -26.50 14.37 -16.07
CA PHE A 165 -27.92 13.94 -16.18
C PHE A 165 -28.13 12.56 -15.51
N ASP A 166 -27.63 12.44 -14.27
CA ASP A 166 -27.62 11.19 -13.53
C ASP A 166 -29.01 10.65 -13.13
N GLU A 167 -29.82 11.41 -12.40
CA GLU A 167 -31.13 10.94 -11.95
C GLU A 167 -32.25 11.63 -12.77
N GLU A 168 -32.21 12.97 -12.84
CA GLU A 168 -33.15 13.78 -13.62
C GLU A 168 -32.72 13.75 -15.11
N ASN A 169 -33.45 12.99 -15.92
CA ASN A 169 -33.14 12.84 -17.33
C ASN A 169 -34.41 12.97 -18.23
N GLY A 170 -35.33 11.98 -18.21
CA GLY A 170 -36.56 11.95 -19.01
C GLY A 170 -36.37 11.18 -20.30
N ASN A 171 -36.57 11.85 -21.44
CA ASN A 171 -36.27 11.27 -22.76
C ASN A 171 -34.85 11.76 -23.18
N ASN A 172 -33.93 11.90 -22.22
CA ASN A 172 -32.57 12.41 -22.36
C ASN A 172 -31.63 11.34 -22.84
N PRO A 173 -31.09 11.51 -24.06
CA PRO A 173 -30.10 10.55 -24.55
C PRO A 173 -28.76 10.64 -23.81
N TRP A 174 -28.49 11.77 -23.12
CA TRP A 174 -27.25 12.01 -22.39
C TRP A 174 -27.39 11.65 -20.91
N SER A 175 -28.30 10.73 -20.55
CA SER A 175 -28.46 10.33 -19.15
C SER A 175 -27.28 9.47 -18.75
N LYS A 176 -26.66 9.78 -17.62
CA LYS A 176 -25.50 9.09 -17.07
C LYS A 176 -24.23 9.16 -17.94
N THR A 177 -23.99 10.25 -18.69
CA THR A 177 -22.73 10.36 -19.47
C THR A 177 -21.58 10.76 -18.55
N LYS A 178 -20.47 10.03 -18.57
CA LYS A 178 -19.35 10.36 -17.68
C LYS A 178 -18.38 11.38 -18.24
N ILE A 179 -18.14 12.47 -17.47
CA ILE A 179 -17.17 13.50 -17.81
C ILE A 179 -16.27 13.71 -16.62
N GLU A 180 -14.94 13.72 -16.81
CA GLU A 180 -13.97 13.96 -15.74
C GLU A 180 -13.58 15.43 -15.70
N VAL A 181 -13.47 16.01 -14.52
CA VAL A 181 -13.06 17.41 -14.35
C VAL A 181 -11.77 17.43 -13.53
N GLN A 182 -10.66 17.82 -14.15
CA GLN A 182 -9.36 17.89 -13.49
C GLN A 182 -9.07 19.32 -13.03
N LEU A 183 -8.96 19.54 -11.72
CA LEU A 183 -8.60 20.84 -11.17
C LEU A 183 -7.12 20.79 -10.83
N ARG A 184 -6.37 21.75 -11.35
CA ARG A 184 -4.93 21.80 -11.06
C ARG A 184 -4.40 23.23 -11.07
N THR A 185 -3.33 23.44 -10.36
CA THR A 185 -2.70 24.74 -10.21
C THR A 185 -1.74 25.00 -11.38
N GLU A 186 -1.31 26.24 -11.58
CA GLU A 186 -0.35 26.56 -12.66
C GLU A 186 0.94 25.72 -12.58
N LEU A 187 1.50 25.52 -11.39
CA LEU A 187 2.70 24.71 -11.22
C LEU A 187 2.44 23.18 -11.39
N GLN A 188 1.29 22.69 -10.90
CA GLN A 188 0.88 21.30 -11.05
C GLN A 188 0.65 20.99 -12.52
N HIS A 189 0.11 21.98 -13.30
CA HIS A 189 -0.12 21.88 -14.74
C HIS A 189 1.20 21.96 -15.50
N ALA A 190 2.17 22.77 -15.02
CA ALA A 190 3.53 22.88 -15.56
C ALA A 190 4.26 21.53 -15.44
N TRP A 191 4.05 20.82 -14.31
CA TRP A 191 4.63 19.51 -14.08
C TRP A 191 4.02 18.51 -15.05
N ALA A 192 2.68 18.54 -15.22
CA ALA A 192 1.95 17.62 -16.08
C ALA A 192 2.24 17.81 -17.56
N THR A 193 2.43 19.08 -17.98
CA THR A 193 2.74 19.41 -19.37
C THR A 193 4.12 18.87 -19.68
N SER A 194 5.13 19.10 -18.80
CA SER A 194 6.50 18.63 -19.02
C SER A 194 6.57 17.12 -19.06
N LEU A 195 5.74 16.42 -18.25
CA LEU A 195 5.70 14.97 -18.24
C LEU A 195 5.18 14.49 -19.57
N GLU A 196 4.08 15.09 -20.06
CA GLU A 196 3.46 14.73 -21.33
C GLU A 196 4.41 14.99 -22.48
N ILE A 197 5.15 16.10 -22.44
CA ILE A 197 6.10 16.43 -23.49
C ILE A 197 7.24 15.41 -23.52
N ILE A 198 7.85 15.07 -22.38
CA ILE A 198 8.94 14.09 -22.39
C ILE A 198 8.39 12.71 -22.79
N ASP A 199 7.23 12.33 -22.27
CA ASP A 199 6.62 11.04 -22.56
C ASP A 199 6.33 10.88 -24.06
N THR A 200 5.71 11.90 -24.70
CA THR A 200 5.34 11.84 -26.10
C THR A 200 6.54 11.98 -27.02
N LEU A 201 7.40 12.99 -26.79
CA LEU A 201 8.55 13.23 -27.64
C LEU A 201 9.62 12.18 -27.52
N GLU A 202 10.01 11.78 -26.31
CA GLU A 202 10.99 10.70 -26.14
C GLU A 202 10.43 9.31 -26.49
N ASN A 203 9.14 9.20 -26.81
CA ASN A 203 8.47 7.96 -27.21
C ASN A 203 8.49 6.86 -26.11
N ILE A 204 9.03 7.15 -24.92
CA ILE A 204 9.01 6.24 -23.78
C ILE A 204 7.56 6.22 -23.25
N LYS A 205 7.18 5.22 -22.41
CA LYS A 205 5.77 5.20 -21.96
C LYS A 205 5.62 5.16 -20.45
N LEU A 206 5.74 6.32 -19.84
CA LEU A 206 5.62 6.51 -18.40
C LEU A 206 4.15 6.44 -18.01
N LYS A 207 3.29 7.14 -18.77
CA LYS A 207 1.86 7.19 -18.48
C LYS A 207 1.16 5.86 -18.73
N THR A 208 1.50 5.16 -19.82
CA THR A 208 0.80 3.91 -20.16
C THR A 208 1.57 2.64 -19.79
N SER A 209 2.35 2.67 -18.71
CA SER A 209 3.09 1.49 -18.23
C SER A 209 3.46 1.61 -16.75
N ASN A 210 3.81 0.50 -16.11
CA ASN A 210 4.20 0.52 -14.70
C ASN A 210 5.66 0.03 -14.53
N GLU A 211 6.47 0.11 -15.60
CA GLU A 211 7.82 -0.37 -15.66
C GLU A 211 8.68 0.36 -16.70
N GLY A 212 10.00 0.35 -16.42
CA GLY A 212 11.04 0.95 -17.22
C GLY A 212 11.42 2.34 -16.74
N HIS A 213 12.41 2.97 -17.42
CA HIS A 213 12.90 4.34 -17.21
C HIS A 213 12.90 4.77 -15.74
N PRO A 214 13.72 4.12 -14.88
CA PRO A 214 13.62 4.41 -13.44
C PRO A 214 13.99 5.82 -13.05
N GLU A 215 14.95 6.39 -13.77
CA GLU A 215 15.49 7.71 -13.53
C GLU A 215 14.47 8.77 -13.91
N TRP A 216 13.72 8.57 -15.01
CA TRP A 216 12.64 9.49 -15.41
C TRP A 216 11.48 9.40 -14.42
N ARG A 217 11.03 8.19 -14.09
CA ARG A 217 9.94 8.00 -13.15
C ARG A 217 10.21 8.59 -11.78
N ARG A 218 11.42 8.35 -11.23
CA ARG A 218 11.82 8.87 -9.93
C ARG A 218 11.98 10.38 -9.97
N PHE A 219 12.49 10.92 -11.09
CA PHE A 219 12.60 12.37 -11.27
C PHE A 219 11.22 13.03 -11.21
N PHE A 220 10.21 12.43 -11.87
CA PHE A 220 8.88 12.99 -11.88
C PHE A 220 8.18 12.87 -10.54
N TYR A 221 8.44 11.79 -9.79
CA TYR A 221 7.84 11.63 -8.48
C TYR A 221 8.41 12.66 -7.52
N LEU A 222 9.74 12.78 -7.43
CA LEU A 222 10.36 13.75 -6.53
C LEU A 222 9.99 15.18 -6.87
N SER A 223 10.08 15.56 -8.16
CA SER A 223 9.73 16.91 -8.58
C SER A 223 8.27 17.21 -8.31
N GLY A 224 7.41 16.20 -8.50
CA GLY A 224 5.98 16.30 -8.22
C GLY A 224 5.73 16.60 -6.75
N CYS A 225 6.43 15.89 -5.86
CA CYS A 225 6.42 16.08 -4.40
C CYS A 225 6.88 17.46 -3.99
N LEU A 226 7.89 17.99 -4.68
CA LEU A 226 8.39 19.32 -4.44
C LEU A 226 7.40 20.37 -4.91
N VAL A 227 6.68 20.10 -6.00
CA VAL A 227 5.60 20.96 -6.51
C VAL A 227 4.48 20.99 -5.48
N ALA A 228 4.07 19.82 -4.98
CA ALA A 228 3.01 19.73 -3.96
C ALA A 228 3.41 20.42 -2.65
N HIS A 229 4.70 20.34 -2.25
CA HIS A 229 5.18 21.02 -1.06
C HIS A 229 5.14 22.56 -1.29
N ASP A 230 5.79 23.02 -2.37
CA ASP A 230 5.80 24.44 -2.73
C ASP A 230 4.43 25.02 -2.90
N GLU A 231 3.49 24.29 -3.51
CA GLU A 231 2.14 24.81 -3.67
C GLU A 231 1.32 24.86 -2.38
N GLY A 232 1.71 24.08 -1.39
CA GLY A 232 1.00 24.00 -0.13
C GLY A 232 -0.02 22.89 -0.12
N ALA A 233 0.03 21.99 -1.11
CA ALA A 233 -0.87 20.85 -1.25
C ALA A 233 -0.44 19.66 -0.36
N CYS A 234 0.87 19.53 -0.11
CA CYS A 234 1.43 18.44 0.69
C CYS A 234 2.80 18.87 1.23
N ILE A 235 2.81 19.59 2.33
CA ILE A 235 4.05 20.08 2.94
C ILE A 235 4.90 18.92 3.46
N LEU A 236 6.19 18.91 3.14
CA LEU A 236 7.11 17.89 3.62
C LEU A 236 8.06 18.50 4.66
N ASP A 237 8.61 17.66 5.55
CA ASP A 237 9.55 18.12 6.56
C ASP A 237 10.89 18.53 5.95
N ASP A 238 11.63 19.45 6.63
CA ASP A 238 12.92 20.00 6.19
C ASP A 238 13.90 18.95 5.72
N GLU A 239 13.94 17.79 6.40
CA GLU A 239 14.90 16.73 6.05
C GLU A 239 14.53 16.10 4.75
N THR A 240 13.24 15.77 4.56
CA THR A 240 12.73 15.18 3.33
C THR A 240 12.96 16.13 2.17
N ILE A 241 12.69 17.44 2.38
CA ILE A 241 12.92 18.49 1.38
C ILE A 241 14.37 18.48 0.92
N LYS A 242 15.33 18.48 1.90
CA LYS A 242 16.79 18.46 1.66
C LYS A 242 17.23 17.21 0.87
N ASN A 243 16.72 16.06 1.28
CA ASN A 243 17.02 14.80 0.64
C ASN A 243 16.46 14.78 -0.77
N TYR A 244 15.22 15.27 -0.96
CA TYR A 244 14.54 15.32 -2.25
C TYR A 244 15.25 16.23 -3.22
N GLN A 245 15.87 17.32 -2.75
CA GLN A 245 16.59 18.25 -3.63
C GLN A 245 17.97 17.67 -4.05
N THR A 246 18.61 16.86 -3.19
CA THR A 246 19.86 16.22 -3.56
C THR A 246 19.57 15.13 -4.61
N GLU A 247 18.49 14.36 -4.40
CA GLU A 247 18.06 13.35 -5.35
C GLU A 247 17.71 14.01 -6.69
N LEU A 248 16.98 15.14 -6.63
CA LEU A 248 16.56 15.88 -7.81
C LEU A 248 17.74 16.46 -8.58
N LYS A 249 18.74 17.00 -7.87
CA LYS A 249 19.91 17.58 -8.52
C LYS A 249 20.65 16.51 -9.34
N THR A 250 20.79 15.32 -8.75
CA THR A 250 21.46 14.13 -9.27
C THR A 250 20.69 13.57 -10.47
N LEU A 251 19.37 13.40 -10.34
CA LEU A 251 18.51 12.92 -11.43
C LEU A 251 18.45 13.92 -12.60
N GLU A 252 18.34 15.21 -12.30
CA GLU A 252 18.27 16.23 -13.35
C GLU A 252 19.57 16.31 -14.14
N GLU A 253 20.76 16.14 -13.50
CA GLU A 253 22.02 16.19 -14.26
C GLU A 253 22.19 14.92 -15.12
N ALA A 254 21.79 13.76 -14.58
CA ALA A 254 21.85 12.48 -15.25
C ALA A 254 21.01 12.46 -16.50
N LEU A 255 19.74 12.97 -16.42
CA LEU A 255 18.79 12.99 -17.53
C LEU A 255 18.88 14.22 -18.40
N SER A 256 19.44 15.32 -17.88
CA SER A 256 19.56 16.62 -18.56
C SER A 256 18.17 17.14 -18.89
N VAL A 257 17.27 17.09 -17.90
CA VAL A 257 15.88 17.47 -18.02
C VAL A 257 15.70 18.89 -18.56
N ARG A 258 16.33 19.89 -17.94
CA ARG A 258 16.18 21.29 -18.37
C ARG A 258 16.54 21.51 -19.82
N SER A 259 17.67 20.93 -20.25
CA SER A 259 18.21 21.02 -21.61
C SER A 259 17.27 20.36 -22.61
N LYS A 260 16.68 19.22 -22.23
CA LYS A 260 15.75 18.52 -23.09
C LYS A 260 14.44 19.29 -23.21
N LEU A 261 13.85 19.76 -22.11
CA LEU A 261 12.61 20.55 -22.16
C LEU A 261 12.72 21.78 -23.05
N SER A 262 13.84 22.51 -22.95
CA SER A 262 14.10 23.71 -23.75
C SER A 262 14.24 23.38 -25.21
N THR A 263 14.93 22.27 -25.53
CA THR A 263 15.17 21.85 -26.90
C THR A 263 13.88 21.36 -27.52
N TYR A 264 13.18 20.46 -26.84
CA TYR A 264 11.92 19.92 -27.34
C TYR A 264 10.88 20.99 -27.52
N THR A 265 10.70 21.91 -26.55
CA THR A 265 9.68 22.94 -26.70
C THR A 265 10.07 23.97 -27.74
N PHE A 266 11.37 24.25 -27.92
CA PHE A 266 11.80 25.18 -28.95
C PHE A 266 11.60 24.54 -30.33
N ALA A 267 11.89 23.24 -30.47
CA ALA A 267 11.69 22.50 -31.69
C ALA A 267 10.20 22.49 -32.04
N MET A 268 9.31 22.36 -31.05
CA MET A 268 7.87 22.41 -31.33
C MET A 268 7.48 23.80 -31.77
N LYS A 269 8.04 24.84 -31.14
CA LYS A 269 7.80 26.24 -31.51
C LYS A 269 8.22 26.50 -32.97
N LEU A 270 9.36 25.93 -33.36
CA LEU A 270 9.97 26.00 -34.68
C LEU A 270 9.07 25.34 -35.74
N THR A 271 8.33 24.28 -35.38
CA THR A 271 7.42 23.61 -36.32
C THR A 271 6.25 24.53 -36.69
N SER A 272 5.81 25.39 -35.75
CA SER A 272 4.73 26.34 -36.02
C SER A 272 5.20 27.66 -36.64
N ASP A 273 6.46 27.74 -37.05
CA ASP A 273 7.06 28.94 -37.62
C ASP A 273 6.59 29.14 -39.08
N ALA A 274 6.21 30.38 -39.44
CA ALA A 274 5.70 30.70 -40.78
C ALA A 274 6.65 30.32 -41.93
N ASN A 275 7.94 30.65 -41.81
CA ASN A 275 8.95 30.33 -42.82
C ASN A 275 9.05 28.83 -43.04
N LEU A 276 8.98 28.03 -41.94
CA LEU A 276 9.05 26.56 -42.02
C LEU A 276 7.79 26.01 -42.66
N LYS A 277 6.61 26.52 -42.24
CA LYS A 277 5.30 26.10 -42.71
C LYS A 277 5.09 26.34 -44.23
N LYS A 278 5.68 27.43 -44.78
CA LYS A 278 5.60 27.71 -46.21
C LYS A 278 6.49 26.76 -47.02
N SER A 279 7.62 26.36 -46.47
CA SER A 279 8.55 25.44 -47.13
C SER A 279 8.05 23.98 -47.13
N LEU A 280 7.17 23.62 -46.20
CA LEU A 280 6.65 22.26 -46.10
C LEU A 280 5.65 21.92 -47.23
N PRO A 281 5.45 20.62 -47.54
CA PRO A 281 4.42 20.27 -48.54
C PRO A 281 2.99 20.54 -48.06
N LYS A 282 2.01 20.40 -48.97
CA LYS A 282 0.60 20.65 -48.61
C LYS A 282 0.08 19.50 -47.75
N ASN A 283 -0.50 19.87 -46.58
CA ASN A 283 -1.07 18.95 -45.57
C ASN A 283 -0.09 17.85 -45.16
N HIS A 284 1.19 18.24 -44.90
CA HIS A 284 2.28 17.38 -44.46
C HIS A 284 1.83 16.61 -43.20
N ASN A 285 1.88 15.29 -43.24
CA ASN A 285 1.45 14.45 -42.12
C ASN A 285 2.57 13.46 -41.82
N GLY A 286 3.78 13.99 -41.64
CA GLY A 286 4.96 13.15 -41.48
C GLY A 286 5.66 13.17 -40.15
N PHE A 287 6.98 13.38 -40.19
CA PHE A 287 7.82 13.38 -39.00
C PHE A 287 8.79 14.57 -38.99
N PHE A 288 9.39 14.82 -37.84
CA PHE A 288 10.40 15.85 -37.65
C PHE A 288 11.51 15.21 -36.83
N LEU A 289 12.72 15.19 -37.36
CA LEU A 289 13.86 14.64 -36.65
C LEU A 289 14.52 15.81 -35.95
N VAL A 290 14.25 15.97 -34.66
CA VAL A 290 14.80 17.02 -33.84
C VAL A 290 16.17 16.62 -33.34
N ARG A 291 17.13 17.52 -33.47
CA ARG A 291 18.47 17.27 -33.03
C ARG A 291 19.06 18.46 -32.29
N MET A 292 20.11 18.19 -31.50
CA MET A 292 20.92 19.20 -30.83
C MET A 292 22.34 18.75 -31.11
N ARG A 293 23.11 19.62 -31.75
CA ARG A 293 24.46 19.26 -32.15
C ARG A 293 25.53 20.16 -31.56
N ASN A 294 26.57 19.55 -31.00
CA ASN A 294 27.72 20.25 -30.48
C ASN A 294 28.86 19.96 -31.42
N ALA A 295 28.89 20.66 -32.55
CA ALA A 295 30.00 20.53 -33.50
C ALA A 295 31.06 21.64 -33.23
N ILE A 296 31.00 22.27 -32.01
CA ILE A 296 31.89 23.33 -31.52
C ILE A 296 33.30 22.81 -31.16
N THR A 297 33.57 21.48 -31.34
CA THR A 297 34.84 20.77 -31.08
C THR A 297 35.31 20.88 -29.61
N THR A 303 37.24 25.54 -33.83
CA THR A 303 35.91 25.97 -33.36
C THR A 303 34.83 25.72 -34.42
N GLY A 304 33.68 25.21 -33.97
CA GLY A 304 32.56 24.94 -34.86
C GLY A 304 31.30 25.69 -34.50
N LYS A 305 30.14 25.01 -34.55
CA LYS A 305 28.82 25.58 -34.26
C LYS A 305 27.97 24.69 -33.36
N PHE A 306 27.17 25.31 -32.49
CA PHE A 306 26.23 24.61 -31.63
C PHE A 306 24.84 24.93 -32.18
N LEU A 307 24.06 23.93 -32.56
CA LEU A 307 22.76 24.18 -33.16
C LEU A 307 21.68 23.21 -32.71
N VAL A 308 20.42 23.55 -33.01
CA VAL A 308 19.26 22.70 -32.80
C VAL A 308 18.50 22.73 -34.12
N SER A 309 18.26 21.55 -34.68
CA SER A 309 17.66 21.43 -36.01
C SER A 309 16.44 20.56 -36.02
N VAL A 310 15.51 20.86 -36.91
CA VAL A 310 14.36 20.00 -37.16
C VAL A 310 14.46 19.64 -38.63
N LYS A 311 14.36 18.36 -38.94
CA LYS A 311 14.42 17.90 -40.33
C LYS A 311 13.10 17.20 -40.66
N PRO A 312 12.27 17.75 -41.58
CA PRO A 312 11.00 17.09 -41.89
C PRO A 312 11.11 15.85 -42.79
N PHE A 313 10.17 14.94 -42.66
CA PHE A 313 10.09 13.74 -43.49
C PHE A 313 8.64 13.51 -43.93
N ARG A 314 8.46 12.78 -45.02
CA ARG A 314 7.12 12.45 -45.51
C ARG A 314 6.58 11.27 -44.67
N LYS A 315 5.30 10.93 -44.78
CA LYS A 315 4.80 9.74 -44.05
C LYS A 315 5.44 8.48 -44.62
N LYS A 316 5.71 8.48 -45.93
CA LYS A 316 6.32 7.31 -46.61
C LYS A 316 7.77 7.13 -46.17
N GLU A 317 8.42 8.19 -45.71
CA GLU A 317 9.86 8.13 -45.40
C GLU A 317 10.06 7.80 -43.91
N SER A 318 9.13 7.06 -43.32
CA SER A 318 9.19 6.73 -41.88
C SER A 318 10.45 5.93 -41.56
N GLU A 319 10.74 4.93 -42.36
CA GLU A 319 11.90 4.06 -42.08
C GLU A 319 13.18 4.84 -42.31
N GLN A 320 13.23 5.56 -43.43
CA GLN A 320 14.40 6.40 -43.71
C GLN A 320 14.69 7.32 -42.54
N ALA A 321 13.62 7.85 -41.90
CA ALA A 321 13.69 8.73 -40.74
C ALA A 321 14.23 7.99 -39.51
N LEU A 322 13.77 6.75 -39.29
CA LEU A 322 14.25 5.91 -38.19
C LEU A 322 15.72 5.52 -38.39
N GLN A 323 16.12 5.29 -39.64
CA GLN A 323 17.49 4.96 -40.01
C GLN A 323 18.44 6.13 -39.77
N GLU A 324 17.96 7.36 -39.96
CA GLU A 324 18.75 8.56 -39.72
C GLU A 324 18.86 8.82 -38.21
N LEU A 325 17.78 8.52 -37.45
CA LEU A 325 17.73 8.69 -36.01
C LEU A 325 18.70 7.72 -35.34
N ASN A 326 18.67 6.44 -35.74
CA ASN A 326 19.56 5.44 -35.16
C ASN A 326 21.03 5.63 -35.57
N LYS A 327 21.27 6.30 -36.71
CA LYS A 327 22.62 6.61 -37.20
C LYS A 327 23.33 7.64 -36.31
N ASP A 328 22.55 8.49 -35.60
CA ASP A 328 23.13 9.52 -34.74
C ASP A 328 23.71 8.99 -33.43
N ASP A 329 23.41 7.73 -33.04
CA ASP A 329 24.02 7.14 -31.84
C ASP A 329 25.54 7.06 -31.96
N ALA A 330 26.04 6.86 -33.19
CA ALA A 330 27.46 6.78 -33.49
C ALA A 330 28.14 8.17 -33.47
N ASP A 331 27.36 9.25 -33.70
CA ASP A 331 27.85 10.63 -33.76
C ASP A 331 27.99 11.25 -32.38
N PRO A 332 29.22 11.55 -31.94
CA PRO A 332 29.41 12.18 -30.62
C PRO A 332 28.96 13.66 -30.56
N GLU A 333 28.81 14.31 -31.72
CA GLU A 333 28.33 15.69 -31.78
C GLU A 333 26.82 15.75 -31.43
N VAL A 334 26.05 14.70 -31.74
CA VAL A 334 24.61 14.69 -31.46
C VAL A 334 24.30 14.44 -29.97
N LEU A 335 23.87 15.48 -29.25
CA LEU A 335 23.56 15.40 -27.83
C LEU A 335 22.12 14.99 -27.56
N ILE A 336 21.17 15.54 -28.33
CA ILE A 336 19.75 15.21 -28.26
C ILE A 336 19.30 14.83 -29.66
N ALA A 337 18.63 13.69 -29.84
CA ALA A 337 18.12 13.27 -31.15
C ALA A 337 16.83 12.54 -30.90
N VAL A 338 15.75 13.08 -31.43
CA VAL A 338 14.42 12.51 -31.20
C VAL A 338 13.55 12.61 -32.47
N LEU A 339 12.66 11.63 -32.67
CA LEU A 339 11.78 11.61 -33.84
C LEU A 339 10.33 11.93 -33.43
N LEU A 340 9.77 13.02 -33.96
CA LEU A 340 8.42 13.43 -33.61
C LEU A 340 7.42 13.31 -34.76
N ALA A 341 6.28 12.66 -34.52
CA ALA A 341 5.23 12.57 -35.52
C ALA A 341 4.46 13.89 -35.52
N THR A 342 4.21 14.48 -36.69
CA THR A 342 3.47 15.74 -36.77
C THR A 342 2.08 15.68 -36.16
N ASN A 343 1.49 14.49 -36.01
CA ASN A 343 0.16 14.37 -35.38
C ASN A 343 0.28 14.53 -33.85
N ASN A 344 1.36 13.96 -33.27
CA ASN A 344 1.68 14.09 -31.85
C ASN A 344 2.02 15.52 -31.50
N ILE A 345 2.67 16.25 -32.41
CA ILE A 345 3.05 17.61 -32.18
C ILE A 345 1.80 18.49 -32.15
N LYS A 346 0.96 18.36 -33.16
CA LYS A 346 -0.25 19.15 -33.26
C LYS A 346 -1.22 18.90 -32.11
N SER A 347 -1.39 17.64 -31.68
CA SER A 347 -2.30 17.35 -30.57
C SER A 347 -1.75 17.86 -29.24
N LEU A 348 -0.41 17.87 -29.05
CA LEU A 348 0.22 18.39 -27.84
C LEU A 348 0.01 19.91 -27.79
N LYS A 349 0.14 20.60 -28.93
CA LYS A 349 -0.07 22.05 -29.00
C LYS A 349 -1.55 22.41 -28.81
N LYS A 350 -2.47 21.51 -29.21
CA LYS A 350 -3.89 21.74 -29.06
C LYS A 350 -4.32 21.48 -27.61
N ALA A 351 -3.81 20.41 -26.97
CA ALA A 351 -4.10 20.06 -25.59
C ALA A 351 -3.34 20.94 -24.61
N TYR A 352 -2.16 21.46 -24.97
CA TYR A 352 -1.37 22.31 -24.07
C TYR A 352 -0.97 23.61 -24.76
N PRO A 353 -1.93 24.54 -24.96
CA PRO A 353 -1.61 25.78 -25.69
C PRO A 353 -0.49 26.61 -25.08
N ASN A 354 -0.36 26.56 -23.75
CA ASN A 354 0.68 27.32 -23.05
C ASN A 354 1.87 26.42 -22.72
N TYR A 355 2.20 25.44 -23.57
CA TYR A 355 3.31 24.52 -23.30
C TYR A 355 4.67 25.24 -23.21
N PHE A 356 4.86 26.34 -23.98
CA PHE A 356 6.14 27.04 -23.98
C PHE A 356 6.41 27.62 -22.61
N GLY A 357 5.43 28.37 -22.10
CA GLY A 357 5.48 28.97 -20.79
C GLY A 357 5.47 27.97 -19.65
N SER A 358 4.59 26.93 -19.70
CA SER A 358 4.49 25.90 -18.65
C SER A 358 5.81 25.19 -18.44
N THR A 359 6.44 24.78 -19.54
CA THR A 359 7.74 24.12 -19.57
C THR A 359 8.81 25.01 -18.96
N ASN A 360 8.85 26.29 -19.34
CA ASN A 360 9.84 27.21 -18.77
C ASN A 360 9.63 27.44 -17.27
N GLN A 361 8.38 27.47 -16.83
CA GLN A 361 8.05 27.65 -15.43
C GLN A 361 8.43 26.42 -14.59
N PHE A 362 8.41 25.20 -15.19
CA PHE A 362 8.83 23.96 -14.52
C PHE A 362 10.36 23.94 -14.40
N GLY A 363 11.06 24.37 -15.43
CA GLY A 363 12.50 24.46 -15.43
C GLY A 363 12.99 25.48 -14.43
N ARG A 364 12.28 26.62 -14.28
CA ARG A 364 12.67 27.62 -13.27
C ARG A 364 12.48 27.02 -11.87
N PHE A 365 11.38 26.29 -11.66
CA PHE A 365 11.07 25.58 -10.43
C PHE A 365 12.19 24.61 -10.08
N LEU A 366 12.66 23.84 -11.11
CA LEU A 366 13.73 22.84 -10.96
C LEU A 366 15.01 23.53 -10.57
N SER A 367 15.31 24.67 -11.23
CA SER A 367 16.50 25.48 -11.00
C SER A 367 16.55 26.02 -9.60
N ARG A 368 15.42 26.49 -9.07
CA ARG A 368 15.47 27.08 -7.73
C ARG A 368 15.60 26.00 -6.64
N HIS A 369 15.21 24.74 -6.91
CA HIS A 369 15.38 23.64 -5.95
C HIS A 369 16.79 23.00 -6.03
N ILE A 370 17.38 22.99 -7.21
CA ILE A 370 18.71 22.45 -7.46
C ILE A 370 19.81 23.41 -6.98
N ASP A 371 19.56 24.74 -7.02
CA ASP A 371 20.55 25.71 -6.55
C ASP A 371 20.51 25.94 -5.03
N THR A 372 19.56 25.32 -4.29
CA THR A 372 19.48 25.53 -2.84
C THR A 372 20.79 25.17 -2.13
N VAL A 373 21.26 23.91 -2.24
CA VAL A 373 22.53 23.51 -1.65
C VAL A 373 23.31 22.61 -2.64
N GLU B 12 -8.96 -6.93 -4.23
CA GLU B 12 -8.16 -5.78 -4.62
C GLU B 12 -8.33 -4.58 -3.64
N LEU B 13 -7.36 -3.65 -3.63
CA LEU B 13 -7.44 -2.48 -2.78
C LEU B 13 -8.25 -1.35 -3.44
N LYS B 14 -9.39 -0.98 -2.85
CA LYS B 14 -10.23 0.10 -3.37
C LYS B 14 -9.70 1.52 -3.04
N TYR B 15 -8.64 1.63 -2.21
CA TYR B 15 -8.04 2.91 -1.81
C TYR B 15 -6.55 3.00 -2.20
N SER B 16 -5.99 4.24 -2.22
CA SER B 16 -4.57 4.43 -2.52
C SER B 16 -3.70 4.28 -1.25
N LYS B 17 -2.40 3.98 -1.39
CA LYS B 17 -1.52 3.82 -0.23
C LYS B 17 -1.40 5.11 0.59
N SER B 18 -1.52 6.28 -0.06
CA SER B 18 -1.47 7.59 0.62
C SER B 18 -2.77 7.80 1.43
N GLN B 19 -3.91 7.32 0.90
CA GLN B 19 -5.21 7.38 1.58
C GLN B 19 -5.17 6.54 2.85
N ILE B 20 -4.55 5.36 2.78
CA ILE B 20 -4.39 4.40 3.87
C ILE B 20 -3.41 4.95 4.91
N GLU B 21 -2.32 5.58 4.48
CA GLU B 21 -1.37 6.20 5.41
C GLU B 21 -2.03 7.40 6.11
N LYS B 22 -2.87 8.15 5.38
CA LYS B 22 -3.59 9.30 5.95
C LYS B 22 -4.61 8.80 6.97
N ALA B 23 -5.31 7.69 6.65
CA ALA B 23 -6.31 7.07 7.52
C ALA B 23 -5.68 6.59 8.82
N ALA B 24 -4.45 6.05 8.76
CA ALA B 24 -3.73 5.60 9.95
C ALA B 24 -3.26 6.78 10.79
N ARG B 25 -2.93 7.92 10.15
CA ARG B 25 -2.53 9.14 10.83
C ARG B 25 -3.75 9.71 11.57
N LYS B 26 -4.91 9.76 10.88
CA LYS B 26 -6.18 10.22 11.44
C LYS B 26 -6.69 9.34 12.58
N ILE B 27 -6.14 8.13 12.73
CA ILE B 27 -6.53 7.25 13.82
C ILE B 27 -5.56 7.43 15.00
N ARG B 28 -4.27 7.70 14.72
CA ARG B 28 -3.26 7.98 15.75
C ARG B 28 -3.64 9.30 16.41
N HIS B 29 -4.00 10.30 15.61
CA HIS B 29 -4.52 11.56 16.14
C HIS B 29 -5.99 11.27 16.43
N GLY B 30 -6.51 11.80 17.54
CA GLY B 30 -7.91 11.56 17.90
C GLY B 30 -8.89 12.00 16.82
N CYS B 31 -9.74 11.07 16.34
CA CYS B 31 -10.75 11.36 15.33
C CYS B 31 -12.04 10.57 15.52
N GLU B 32 -13.17 11.09 14.99
CA GLU B 32 -14.48 10.52 15.25
C GLU B 32 -15.50 10.71 14.10
N GLY B 33 -16.61 10.00 14.21
CA GLY B 33 -17.77 10.09 13.32
C GLY B 33 -17.56 9.56 11.93
N ALA B 34 -18.03 10.31 10.93
CA ALA B 34 -17.93 9.96 9.51
C ALA B 34 -16.48 9.85 9.05
N GLU B 35 -15.58 10.66 9.65
CA GLU B 35 -14.16 10.64 9.37
C GLU B 35 -13.58 9.31 9.83
N ARG B 36 -13.99 8.82 11.02
CA ARG B 36 -13.53 7.54 11.55
C ARG B 36 -14.07 6.37 10.76
N GLU B 37 -15.36 6.38 10.37
CA GLU B 37 -15.94 5.29 9.57
C GLU B 37 -15.17 5.09 8.25
N GLU B 38 -14.78 6.19 7.60
CA GLU B 38 -14.02 6.18 6.36
C GLU B 38 -12.59 5.66 6.60
N ALA B 39 -11.97 6.04 7.75
CA ALA B 39 -10.61 5.64 8.11
C ALA B 39 -10.54 4.18 8.49
N ILE B 40 -11.50 3.68 9.28
CA ILE B 40 -11.58 2.27 9.65
C ILE B 40 -11.78 1.42 8.39
N LYS B 41 -12.57 1.93 7.41
CA LYS B 41 -12.84 1.26 6.14
C LYS B 41 -11.54 1.16 5.33
N MET B 42 -10.80 2.28 5.23
CA MET B 42 -9.53 2.37 4.51
C MET B 42 -8.54 1.33 5.05
N ILE B 43 -8.45 1.20 6.39
CA ILE B 43 -7.54 0.26 7.02
C ILE B 43 -8.04 -1.18 6.94
N GLN B 44 -9.37 -1.38 6.96
CA GLN B 44 -9.95 -2.71 6.81
C GLN B 44 -9.65 -3.24 5.43
N ASN B 45 -9.74 -2.38 4.41
CA ASN B 45 -9.44 -2.74 3.02
C ASN B 45 -7.94 -3.09 2.84
N PHE B 46 -7.06 -2.46 3.64
CA PHE B 46 -5.65 -2.76 3.62
C PHE B 46 -5.45 -4.14 4.28
N ARG B 47 -6.11 -4.39 5.41
CA ARG B 47 -6.02 -5.62 6.15
C ARG B 47 -6.50 -6.83 5.36
N GLU B 48 -7.71 -6.77 4.74
CA GLU B 48 -8.16 -7.93 3.96
C GLU B 48 -7.43 -8.06 2.60
N LEU B 49 -6.62 -7.06 2.21
CA LEU B 49 -5.76 -7.18 1.03
C LEU B 49 -4.62 -8.20 1.32
N HIS B 50 -4.24 -8.40 2.60
CA HIS B 50 -3.23 -9.38 2.97
C HIS B 50 -3.74 -10.81 3.04
N LEU B 51 -5.07 -11.01 3.03
CA LEU B 51 -5.66 -12.32 3.12
C LEU B 51 -5.26 -13.28 1.97
N TYR B 52 -5.32 -12.81 0.72
CA TYR B 52 -4.96 -13.65 -0.43
C TYR B 52 -3.47 -14.01 -0.42
N PRO B 53 -2.51 -13.05 -0.40
CA PRO B 53 -1.10 -13.45 -0.32
C PRO B 53 -0.76 -14.26 0.96
N LEU B 54 -1.53 -14.10 2.05
CA LEU B 54 -1.35 -14.89 3.28
C LEU B 54 -1.68 -16.37 3.01
N MET B 55 -2.84 -16.63 2.41
CA MET B 55 -3.22 -18.00 2.05
C MET B 55 -2.29 -18.59 0.98
N LEU B 56 -1.74 -17.75 0.12
CA LEU B 56 -0.86 -18.14 -0.96
C LEU B 56 0.54 -18.55 -0.42
N MET B 57 1.06 -17.72 0.48
CA MET B 57 2.34 -17.90 1.15
C MET B 57 2.26 -19.10 2.10
N LYS B 58 1.07 -19.38 2.71
CA LYS B 58 0.88 -20.55 3.58
C LYS B 58 1.08 -21.82 2.76
N ASN B 59 0.52 -21.85 1.55
CA ASN B 59 0.67 -23.01 0.70
C ASN B 59 2.13 -23.17 0.26
N HIS B 60 2.82 -22.06 0.00
CA HIS B 60 4.23 -22.09 -0.37
C HIS B 60 5.07 -22.73 0.77
N LEU B 61 4.81 -22.33 2.00
CA LEU B 61 5.50 -22.79 3.19
C LEU B 61 5.20 -24.27 3.49
N ASP B 62 3.94 -24.66 3.36
CA ASP B 62 3.44 -26.02 3.52
C ASP B 62 4.16 -26.96 2.54
N ARG B 63 4.31 -26.51 1.28
CA ARG B 63 4.99 -27.22 0.20
C ARG B 63 6.45 -27.44 0.55
N ALA B 64 7.10 -26.43 1.13
CA ALA B 64 8.51 -26.52 1.53
C ALA B 64 8.65 -27.48 2.71
N ALA B 65 7.74 -27.39 3.71
CA ALA B 65 7.71 -28.22 4.91
C ALA B 65 7.61 -29.70 4.55
N LYS B 66 6.79 -30.03 3.54
CA LYS B 66 6.60 -31.40 3.08
C LYS B 66 7.84 -31.98 2.38
N LYS B 67 8.68 -31.12 1.80
CA LYS B 67 9.92 -31.54 1.18
C LYS B 67 11.00 -31.73 2.27
N VAL B 68 11.02 -30.85 3.29
CA VAL B 68 11.98 -30.94 4.41
C VAL B 68 11.70 -32.19 5.26
N ASP B 69 10.47 -32.34 5.77
CA ASP B 69 10.10 -33.51 6.57
C ASP B 69 9.17 -34.39 5.77
N LYS B 70 9.70 -35.50 5.22
CA LYS B 70 8.91 -36.45 4.42
C LYS B 70 7.70 -37.02 5.19
N GLU B 71 7.76 -37.02 6.54
CA GLU B 71 6.70 -37.52 7.42
C GLU B 71 5.46 -36.61 7.54
N ASN B 72 5.53 -35.38 6.98
CA ASN B 72 4.44 -34.38 6.99
C ASN B 72 3.98 -34.00 8.43
N LYS B 73 4.95 -33.78 9.35
CA LYS B 73 4.59 -33.45 10.73
C LYS B 73 4.87 -31.97 11.12
N ILE B 74 5.48 -31.18 10.22
CA ILE B 74 5.76 -29.76 10.49
C ILE B 74 4.43 -29.00 10.47
N ILE B 75 4.06 -28.36 11.60
CA ILE B 75 2.78 -27.66 11.65
C ILE B 75 2.83 -26.27 11.06
N VAL B 76 2.06 -26.04 9.99
CA VAL B 76 1.98 -24.72 9.36
C VAL B 76 0.62 -24.03 9.66
N ALA B 77 0.66 -22.77 10.09
CA ALA B 77 -0.53 -22.00 10.43
C ALA B 77 -0.44 -20.59 9.86
N ARG B 78 -1.59 -19.98 9.58
CA ARG B 78 -1.64 -18.61 9.10
C ARG B 78 -2.52 -17.78 10.02
N ARG B 79 -2.23 -16.48 10.14
CA ARG B 79 -2.97 -15.62 11.03
C ARG B 79 -3.01 -14.21 10.51
N LEU B 80 -4.22 -13.72 10.31
CA LEU B 80 -4.40 -12.34 9.89
C LEU B 80 -4.70 -11.54 11.15
N LYS B 81 -3.94 -10.44 11.37
CA LYS B 81 -4.11 -9.51 12.49
C LYS B 81 -5.54 -8.96 12.45
N ARG B 82 -6.25 -8.98 13.59
CA ARG B 82 -7.61 -8.47 13.68
C ARG B 82 -7.65 -6.95 13.48
N LEU B 83 -8.74 -6.43 12.88
CA LEU B 83 -8.87 -4.99 12.64
C LEU B 83 -8.76 -4.20 13.96
N SER B 84 -9.36 -4.74 15.02
CA SER B 84 -9.33 -4.18 16.36
C SER B 84 -7.90 -4.06 16.89
N THR B 85 -7.07 -5.08 16.64
CA THR B 85 -5.67 -5.13 17.06
C THR B 85 -4.84 -4.09 16.31
N ILE B 86 -5.14 -3.87 15.01
CA ILE B 86 -4.44 -2.88 14.18
C ILE B 86 -4.75 -1.46 14.66
N ILE B 87 -6.04 -1.16 14.93
CA ILE B 87 -6.45 0.15 15.41
C ILE B 87 -5.85 0.44 16.78
N ASP B 88 -5.85 -0.54 17.68
CA ASP B 88 -5.27 -0.36 19.02
C ASP B 88 -3.78 -0.08 18.98
N LYS B 89 -3.05 -0.62 17.98
CA LYS B 89 -1.62 -0.38 17.83
C LYS B 89 -1.36 1.06 17.37
N LEU B 90 -2.22 1.59 16.46
CA LEU B 90 -2.16 2.96 15.95
C LEU B 90 -2.58 3.96 17.04
N GLU B 91 -3.56 3.58 17.88
CA GLU B 91 -4.07 4.40 18.97
C GLU B 91 -3.04 4.51 20.11
N ARG B 92 -2.48 3.37 20.54
CA ARG B 92 -1.49 3.33 21.61
C ARG B 92 -0.06 3.29 21.07
N PRO B 93 0.75 4.32 21.36
CA PRO B 93 2.14 4.34 20.86
C PRO B 93 3.07 3.38 21.61
N ILE B 104 6.13 3.18 13.60
CA ILE B 104 5.82 1.99 12.79
C ILE B 104 4.61 2.25 11.90
N ALA B 105 4.85 2.85 10.72
CA ALA B 105 3.80 3.19 9.75
C ALA B 105 2.98 1.97 9.33
N LEU B 106 1.68 2.15 9.12
CA LEU B 106 0.77 1.08 8.75
C LEU B 106 1.17 0.33 7.46
N THR B 107 1.47 1.06 6.37
CA THR B 107 1.85 0.42 5.12
C THR B 107 3.21 -0.27 5.16
N ARG B 108 4.08 0.13 6.10
CA ARG B 108 5.41 -0.48 6.26
C ARG B 108 5.42 -1.75 7.14
N MET B 109 4.28 -2.10 7.77
CA MET B 109 4.13 -3.27 8.65
C MET B 109 4.28 -4.60 7.94
N GLN B 110 5.01 -5.51 8.56
CA GLN B 110 5.23 -6.85 8.02
C GLN B 110 4.42 -7.93 8.75
N ASP B 111 3.74 -7.60 9.85
CA ASP B 111 2.99 -8.52 10.68
C ASP B 111 1.49 -8.66 10.36
N ILE B 112 0.93 -7.85 9.43
CA ILE B 112 -0.50 -7.90 9.09
C ILE B 112 -0.93 -9.31 8.67
N GLY B 113 -0.04 -10.00 7.97
CA GLY B 113 -0.24 -11.39 7.59
C GLY B 113 0.97 -12.15 8.05
N GLY B 114 0.75 -13.24 8.78
CA GLY B 114 1.86 -14.05 9.26
C GLY B 114 1.62 -15.54 9.16
N CYS B 115 2.66 -16.26 8.80
CA CYS B 115 2.68 -17.72 8.73
C CYS B 115 3.65 -18.24 9.78
N ARG B 116 3.39 -19.43 10.30
CA ARG B 116 4.22 -20.00 11.34
C ARG B 116 4.44 -21.47 11.08
N ALA B 117 5.70 -21.90 11.01
CA ALA B 117 6.04 -23.30 10.81
C ALA B 117 6.69 -23.80 12.10
N ILE B 118 6.10 -24.83 12.71
CA ILE B 118 6.62 -25.40 13.94
C ILE B 118 7.25 -26.75 13.63
N VAL B 119 8.58 -26.82 13.79
CA VAL B 119 9.41 -27.99 13.52
C VAL B 119 9.83 -28.69 14.85
N ARG B 120 10.36 -29.92 14.77
CA ARG B 120 10.70 -30.65 15.99
C ARG B 120 12.08 -30.22 16.59
N ASN B 121 13.06 -29.85 15.75
CA ASN B 121 14.39 -29.50 16.25
C ASN B 121 15.10 -28.41 15.44
N ILE B 122 16.25 -27.91 15.95
CA ILE B 122 17.05 -26.88 15.27
C ILE B 122 17.55 -27.36 13.90
N GLU B 123 17.88 -28.66 13.77
CA GLU B 123 18.33 -29.22 12.48
C GLU B 123 17.24 -29.04 11.42
N GLN B 124 15.99 -29.41 11.77
CA GLN B 124 14.80 -29.29 10.95
C GLN B 124 14.51 -27.84 10.61
N LEU B 125 14.73 -26.92 11.57
CA LEU B 125 14.50 -25.49 11.41
C LEU B 125 15.44 -24.92 10.36
N LYS B 126 16.76 -25.19 10.49
CA LYS B 126 17.76 -24.70 9.54
C LYS B 126 17.52 -25.27 8.13
N LYS B 127 17.09 -26.53 8.07
CA LYS B 127 16.80 -27.23 6.82
C LYS B 127 15.63 -26.56 6.12
N LEU B 128 14.59 -26.20 6.89
CA LEU B 128 13.42 -25.51 6.35
C LEU B 128 13.77 -24.09 5.91
N LYS B 129 14.57 -23.37 6.71
CA LYS B 129 15.01 -22.02 6.35
C LYS B 129 15.78 -22.01 5.02
N ASP B 130 16.69 -22.97 4.84
CA ASP B 130 17.50 -23.07 3.62
C ASP B 130 16.66 -23.48 2.42
N ARG B 131 15.68 -24.36 2.62
CA ARG B 131 14.81 -24.77 1.51
C ARG B 131 14.00 -23.54 1.01
N LEU B 132 13.54 -22.68 1.95
CA LEU B 132 12.80 -21.47 1.62
C LEU B 132 13.68 -20.42 0.90
N VAL B 133 14.94 -20.34 1.31
CA VAL B 133 15.92 -19.40 0.75
C VAL B 133 16.30 -19.83 -0.65
N LYS B 134 16.64 -21.12 -0.85
CA LYS B 134 17.04 -21.65 -2.16
C LYS B 134 15.90 -21.67 -3.19
N SER B 135 14.64 -21.76 -2.71
CA SER B 135 13.43 -21.80 -3.53
C SER B 135 13.27 -20.56 -4.43
N ARG B 136 12.57 -20.72 -5.56
CA ARG B 136 12.40 -19.64 -6.50
C ARG B 136 10.92 -19.36 -6.79
N SER B 137 10.33 -18.38 -6.11
CA SER B 137 8.93 -18.00 -6.36
C SER B 137 8.80 -16.50 -6.59
N LYS B 138 7.59 -15.99 -6.94
CA LYS B 138 7.40 -14.55 -7.10
C LYS B 138 7.47 -13.78 -5.73
N HIS B 139 7.64 -14.52 -4.62
CA HIS B 139 7.67 -14.09 -3.23
C HIS B 139 9.11 -14.08 -2.72
N LYS B 140 9.65 -12.89 -2.50
CA LYS B 140 11.04 -12.70 -2.13
C LYS B 140 11.31 -12.41 -0.65
N ILE B 141 12.37 -13.00 -0.08
CA ILE B 141 12.75 -12.68 1.31
C ILE B 141 13.52 -11.36 1.32
N LEU B 142 12.94 -10.30 1.88
CA LEU B 142 13.61 -9.00 1.96
C LEU B 142 14.65 -8.98 3.10
N LYS B 143 14.31 -9.51 4.28
CA LYS B 143 15.23 -9.56 5.42
C LYS B 143 15.08 -10.87 6.16
N GLU B 144 16.18 -11.39 6.70
CA GLU B 144 16.16 -12.62 7.48
C GLU B 144 16.55 -12.28 8.91
N TYR B 145 15.59 -12.40 9.86
CA TYR B 145 15.81 -12.10 11.27
C TYR B 145 16.23 -13.34 12.04
N ASP B 146 17.53 -13.51 12.31
CA ASP B 146 18.03 -14.68 13.01
C ASP B 146 18.10 -14.50 14.54
N TYR B 147 17.11 -15.07 15.24
CA TYR B 147 17.04 -14.99 16.69
C TYR B 147 17.42 -16.33 17.35
N LEU B 148 18.35 -17.11 16.74
CA LEU B 148 18.78 -18.36 17.40
C LEU B 148 19.50 -18.05 18.75
N THR B 149 20.08 -16.84 18.86
CA THR B 149 20.57 -16.33 20.12
C THR B 149 19.34 -15.54 20.62
N PRO B 150 18.80 -15.91 21.80
CA PRO B 150 17.58 -15.26 22.28
C PRO B 150 17.57 -13.73 22.30
N LYS B 151 16.42 -13.15 21.90
CA LYS B 151 16.16 -11.71 21.98
C LYS B 151 16.17 -11.29 23.46
N PRO B 152 16.27 -9.98 23.80
CA PRO B 152 16.29 -9.59 25.23
C PRO B 152 15.10 -10.12 26.06
N SER B 153 13.99 -10.46 25.40
CA SER B 153 12.78 -11.00 26.01
C SER B 153 12.88 -12.51 26.34
N GLY B 154 13.82 -13.20 25.71
CA GLY B 154 14.00 -14.64 25.83
C GLY B 154 13.61 -15.40 24.57
N TYR B 155 12.95 -14.73 23.58
CA TYR B 155 12.46 -15.38 22.36
C TYR B 155 13.56 -15.85 21.43
N SER B 156 13.41 -17.07 20.89
CA SER B 156 14.32 -17.61 19.89
C SER B 156 13.56 -18.27 18.73
N GLY B 157 14.11 -18.13 17.53
CA GLY B 157 13.56 -18.64 16.28
C GLY B 157 14.16 -17.87 15.11
N ILE B 158 13.54 -17.94 13.92
CA ILE B 158 14.04 -17.21 12.77
C ILE B 158 12.85 -16.67 12.01
N HIS B 159 12.87 -15.39 11.69
CA HIS B 159 11.77 -14.77 10.96
C HIS B 159 12.21 -14.38 9.55
N LEU B 160 11.43 -14.71 8.55
CA LEU B 160 11.72 -14.37 7.17
C LEU B 160 10.65 -13.37 6.76
N ALA B 161 11.05 -12.16 6.39
CA ALA B 161 10.10 -11.14 5.98
C ALA B 161 9.98 -11.25 4.47
N TYR B 162 8.79 -11.63 3.97
CA TYR B 162 8.54 -11.83 2.54
C TYR B 162 7.79 -10.67 1.89
N SER B 163 8.00 -10.47 0.57
CA SER B 163 7.29 -9.50 -0.23
C SER B 163 6.67 -10.27 -1.41
N CYS B 164 5.35 -10.52 -1.35
CA CYS B 164 4.59 -11.27 -2.35
C CYS B 164 4.49 -10.55 -3.66
N PHE B 165 4.73 -11.25 -4.78
CA PHE B 165 4.68 -10.68 -6.11
C PHE B 165 5.61 -9.45 -6.21
N ASP B 166 6.92 -9.65 -5.98
CA ASP B 166 7.89 -8.55 -6.04
C ASP B 166 8.22 -8.13 -7.51
N GLU B 167 7.43 -8.63 -8.51
CA GLU B 167 7.58 -8.38 -9.95
C GLU B 167 6.38 -8.90 -10.74
N GLY B 170 3.01 -7.14 -12.29
CA GLY B 170 2.52 -6.16 -13.25
C GLY B 170 1.39 -5.30 -12.71
N ASN B 171 0.16 -5.51 -13.23
CA ASN B 171 -1.05 -4.83 -12.76
C ASN B 171 -1.71 -5.74 -11.70
N ASN B 172 -0.92 -6.13 -10.68
CA ASN B 172 -1.26 -7.03 -9.59
C ASN B 172 -1.64 -6.25 -8.35
N PRO B 173 -2.89 -6.36 -7.86
CA PRO B 173 -3.27 -5.63 -6.63
C PRO B 173 -2.53 -6.10 -5.38
N TRP B 174 -2.07 -7.37 -5.37
CA TRP B 174 -1.32 -7.91 -4.23
C TRP B 174 0.19 -7.83 -4.42
N SER B 175 0.66 -6.97 -5.35
CA SER B 175 2.09 -6.82 -5.60
C SER B 175 2.76 -6.08 -4.46
N LYS B 176 3.85 -6.66 -3.96
CA LYS B 176 4.67 -6.17 -2.85
C LYS B 176 3.92 -6.15 -1.51
N THR B 177 2.96 -7.06 -1.32
CA THR B 177 2.22 -7.20 -0.06
C THR B 177 3.13 -7.93 0.93
N LYS B 178 3.26 -7.44 2.16
CA LYS B 178 4.20 -8.04 3.15
C LYS B 178 3.60 -9.11 4.04
N ILE B 179 4.26 -10.29 4.06
CA ILE B 179 3.88 -11.43 4.89
C ILE B 179 5.10 -11.90 5.67
N GLU B 180 4.99 -12.06 6.99
CA GLU B 180 6.08 -12.53 7.84
C GLU B 180 5.98 -14.05 8.04
N VAL B 181 7.11 -14.75 8.00
CA VAL B 181 7.14 -16.20 8.21
C VAL B 181 8.00 -16.48 9.43
N GLN B 182 7.39 -16.95 10.52
CA GLN B 182 8.10 -17.25 11.75
C GLN B 182 8.41 -18.74 11.83
N LEU B 183 9.69 -19.11 11.86
CA LEU B 183 10.12 -20.49 12.01
C LEU B 183 10.53 -20.68 13.46
N ARG B 184 9.94 -21.67 14.10
CA ARG B 184 10.26 -21.97 15.48
C ARG B 184 10.11 -23.45 15.81
N THR B 185 10.85 -23.89 16.80
CA THR B 185 10.86 -25.27 17.22
C THR B 185 9.69 -25.55 18.19
N GLU B 186 9.36 -26.81 18.47
CA GLU B 186 8.29 -27.14 19.41
C GLU B 186 8.50 -26.50 20.79
N LEU B 187 9.74 -26.54 21.32
CA LEU B 187 10.05 -25.95 22.62
C LEU B 187 10.05 -24.40 22.59
N GLN B 188 10.55 -23.79 21.50
CA GLN B 188 10.54 -22.33 21.30
C GLN B 188 9.10 -21.84 21.20
N HIS B 189 8.20 -22.65 20.57
CA HIS B 189 6.78 -22.33 20.43
C HIS B 189 6.07 -22.52 21.79
N ALA B 190 6.50 -23.52 22.59
CA ALA B 190 6.00 -23.78 23.93
C ALA B 190 6.32 -22.59 24.86
N TRP B 191 7.50 -22.00 24.71
CA TRP B 191 7.93 -20.83 25.45
C TRP B 191 7.05 -19.63 25.06
N ALA B 192 6.83 -19.44 23.75
CA ALA B 192 6.05 -18.32 23.21
C ALA B 192 4.58 -18.39 23.58
N THR B 193 4.02 -19.61 23.61
CA THR B 193 2.63 -19.83 23.95
C THR B 193 2.43 -19.48 25.42
N SER B 194 3.32 -19.96 26.30
CA SER B 194 3.21 -19.71 27.74
C SER B 194 3.36 -18.23 28.06
N LEU B 195 4.21 -17.51 27.30
CA LEU B 195 4.39 -16.07 27.47
C LEU B 195 3.11 -15.36 27.13
N GLU B 196 2.51 -15.72 26.00
CA GLU B 196 1.25 -15.13 25.54
C GLU B 196 0.12 -15.41 26.52
N ILE B 197 0.06 -16.64 27.06
CA ILE B 197 -0.99 -17.01 28.01
C ILE B 197 -0.86 -16.18 29.29
N ILE B 198 0.34 -16.07 29.88
CA ILE B 198 0.50 -15.29 31.09
C ILE B 198 0.25 -13.80 30.81
N ASP B 199 0.77 -13.30 29.70
CA ASP B 199 0.58 -11.91 29.31
C ASP B 199 -0.90 -11.53 29.15
N THR B 200 -1.66 -12.38 28.45
CA THR B 200 -3.06 -12.12 28.18
C THR B 200 -3.95 -12.35 29.40
N LEU B 201 -3.82 -13.51 30.07
CA LEU B 201 -4.66 -13.84 31.21
C LEU B 201 -4.37 -12.98 32.43
N GLU B 202 -3.09 -12.78 32.78
CA GLU B 202 -2.75 -11.89 33.90
C GLU B 202 -2.93 -10.40 33.60
N ASN B 203 -3.31 -10.05 32.36
CA ASN B 203 -3.59 -8.68 31.92
C ASN B 203 -2.39 -7.72 32.02
N ILE B 204 -1.21 -8.22 32.43
CA ILE B 204 0.04 -7.44 32.45
C ILE B 204 0.48 -7.24 30.98
N LYS B 205 1.40 -6.28 30.68
CA LYS B 205 1.77 -6.08 29.28
C LYS B 205 3.28 -6.15 29.00
N LEU B 206 3.76 -7.38 28.90
CA LEU B 206 5.15 -7.70 28.61
C LEU B 206 5.43 -7.45 27.12
N LYS B 207 4.53 -7.92 26.25
CA LYS B 207 4.72 -7.77 24.82
C LYS B 207 4.55 -6.34 24.32
N THR B 208 3.58 -5.60 24.86
CA THR B 208 3.33 -4.23 24.40
C THR B 208 3.92 -3.14 25.30
N SER B 209 5.05 -3.40 25.94
CA SER B 209 5.74 -2.41 26.77
C SER B 209 7.22 -2.75 26.95
N ASN B 210 8.03 -1.76 27.36
CA ASN B 210 9.46 -1.98 27.58
C ASN B 210 9.89 -1.94 29.06
N GLU B 211 8.92 -1.81 29.98
CA GLU B 211 9.13 -1.82 31.42
C GLU B 211 7.85 -2.32 32.18
N GLY B 212 8.09 -2.95 33.32
CA GLY B 212 6.97 -3.47 34.14
C GLY B 212 7.22 -4.91 34.52
N HIS B 213 6.80 -5.33 35.71
CA HIS B 213 6.89 -6.77 36.05
C HIS B 213 8.28 -7.31 35.72
N PRO B 214 9.35 -6.82 36.38
CA PRO B 214 10.71 -7.29 36.12
C PRO B 214 10.98 -8.77 36.39
N GLU B 215 10.41 -9.34 37.46
CA GLU B 215 10.58 -10.75 37.74
C GLU B 215 9.96 -11.60 36.59
N TRP B 216 8.75 -11.28 36.08
CA TRP B 216 8.18 -12.01 34.93
C TRP B 216 9.10 -11.89 33.71
N ARG B 217 9.56 -10.67 33.38
CA ARG B 217 10.46 -10.45 32.26
C ARG B 217 11.77 -11.24 32.38
N ARG B 218 12.38 -11.22 33.58
CA ARG B 218 13.63 -11.94 33.82
C ARG B 218 13.41 -13.46 33.78
N PHE B 219 12.25 -13.93 34.27
CA PHE B 219 11.91 -15.34 34.22
C PHE B 219 11.82 -15.81 32.74
N PHE B 220 11.20 -14.98 31.87
CA PHE B 220 11.07 -15.35 30.47
C PHE B 220 12.38 -15.28 29.72
N TYR B 221 13.26 -14.35 30.09
CA TYR B 221 14.56 -14.26 29.44
C TYR B 221 15.41 -15.48 29.81
N LEU B 222 15.55 -15.79 31.10
CA LEU B 222 16.33 -16.95 31.53
C LEU B 222 15.81 -18.26 30.98
N SER B 223 14.49 -18.49 31.09
CA SER B 223 13.87 -19.71 30.56
C SER B 223 14.06 -19.81 29.05
N GLY B 224 13.97 -18.67 28.36
CA GLY B 224 14.19 -18.57 26.92
C GLY B 224 15.60 -19.00 26.55
N CYS B 225 16.59 -18.52 27.31
CA CYS B 225 18.01 -18.86 27.16
C CYS B 225 18.27 -20.33 27.40
N LEU B 226 17.56 -20.92 28.36
CA LEU B 226 17.68 -22.33 28.66
C LEU B 226 17.04 -23.16 27.54
N VAL B 227 15.93 -22.67 26.94
CA VAL B 227 15.28 -23.30 25.79
C VAL B 227 16.27 -23.27 24.62
N ALA B 228 16.90 -22.11 24.34
CA ALA B 228 17.86 -21.97 23.25
C ALA B 228 19.10 -22.84 23.47
N HIS B 229 19.54 -23.02 24.73
CA HIS B 229 20.68 -23.89 25.03
C HIS B 229 20.26 -25.35 24.79
N ASP B 230 19.17 -25.80 25.42
CA ASP B 230 18.66 -27.15 25.25
C ASP B 230 18.38 -27.51 23.81
N GLU B 231 17.83 -26.58 23.03
CA GLU B 231 17.53 -26.85 21.63
C GLU B 231 18.76 -26.90 20.74
N GLY B 232 19.86 -26.31 21.19
CA GLY B 232 21.10 -26.26 20.43
C GLY B 232 21.21 -25.00 19.58
N ALA B 233 20.33 -24.02 19.82
CA ALA B 233 20.29 -22.74 19.11
C ALA B 233 21.32 -21.74 19.67
N CYS B 234 21.61 -21.83 20.96
CA CYS B 234 22.56 -20.94 21.63
C CYS B 234 23.09 -21.62 22.89
N ILE B 235 24.11 -22.46 22.71
CA ILE B 235 24.71 -23.20 23.82
C ILE B 235 25.40 -22.24 24.79
N LEU B 236 25.14 -22.40 26.09
CA LEU B 236 25.77 -21.60 27.13
C LEU B 236 26.77 -22.46 27.90
N ASP B 237 27.78 -21.82 28.52
CA ASP B 237 28.77 -22.56 29.30
C ASP B 237 28.16 -23.11 30.59
N ASP B 238 28.75 -24.19 31.12
CA ASP B 238 28.30 -24.92 32.32
C ASP B 238 28.00 -24.02 33.50
N GLU B 239 28.82 -22.97 33.70
CA GLU B 239 28.65 -22.05 34.82
C GLU B 239 27.42 -21.21 34.64
N THR B 240 27.22 -20.64 33.43
CA THR B 240 26.05 -19.82 33.11
C THR B 240 24.80 -20.66 33.26
N ILE B 241 24.82 -21.91 32.77
CA ILE B 241 23.71 -22.87 32.89
C ILE B 241 23.30 -23.04 34.36
N LYS B 242 24.27 -23.37 35.25
CA LYS B 242 24.05 -23.57 36.69
C LYS B 242 23.57 -22.31 37.42
N ASN B 243 24.04 -21.11 36.99
CA ASN B 243 23.61 -19.83 37.55
C ASN B 243 22.19 -19.49 37.10
N TYR B 244 21.89 -19.78 35.81
CA TYR B 244 20.58 -19.57 35.20
C TYR B 244 19.51 -20.44 35.84
N GLN B 245 19.85 -21.66 36.25
CA GLN B 245 18.90 -22.56 36.90
C GLN B 245 18.60 -22.15 38.34
N THR B 246 19.58 -21.56 39.05
CA THR B 246 19.36 -21.07 40.41
C THR B 246 18.45 -19.84 40.35
N GLU B 247 18.72 -18.93 39.41
CA GLU B 247 17.89 -17.77 39.18
C GLU B 247 16.47 -18.20 38.81
N LEU B 248 16.34 -19.20 37.92
CA LEU B 248 15.05 -19.73 37.46
C LEU B 248 14.28 -20.38 38.59
N LYS B 249 14.95 -21.14 39.46
CA LYS B 249 14.28 -21.81 40.59
C LYS B 249 13.63 -20.76 41.52
N THR B 250 14.38 -19.69 41.79
CA THR B 250 14.03 -18.56 42.64
C THR B 250 12.86 -17.76 42.02
N LEU B 251 12.96 -17.41 40.73
CA LEU B 251 11.91 -16.69 40.00
C LEU B 251 10.62 -17.52 39.86
N GLU B 252 10.76 -18.82 39.56
CA GLU B 252 9.61 -19.70 39.41
C GLU B 252 8.85 -19.88 40.72
N GLU B 253 9.56 -19.96 41.89
CA GLU B 253 8.84 -20.12 43.16
C GLU B 253 8.13 -18.81 43.56
N ALA B 254 8.80 -17.67 43.30
CA ALA B 254 8.28 -16.36 43.60
C ALA B 254 7.01 -16.07 42.82
N LEU B 255 6.99 -16.39 41.51
CA LEU B 255 5.85 -16.14 40.62
C LEU B 255 4.84 -17.30 40.57
N SER B 256 5.26 -18.51 40.94
CA SER B 256 4.44 -19.74 40.90
C SER B 256 4.00 -20.01 39.47
N VAL B 257 4.96 -19.92 38.54
CA VAL B 257 4.72 -20.08 37.11
C VAL B 257 4.03 -21.39 36.74
N ARG B 258 4.57 -22.54 37.18
CA ARG B 258 4.01 -23.84 36.86
C ARG B 258 2.57 -23.98 37.30
N SER B 259 2.27 -23.56 38.54
CA SER B 259 0.94 -23.62 39.13
C SER B 259 -0.05 -22.73 38.36
N LYS B 260 0.40 -21.56 37.93
CA LYS B 260 -0.42 -20.66 37.17
C LYS B 260 -0.70 -21.21 35.76
N LEU B 261 0.33 -21.67 35.03
CA LEU B 261 0.13 -22.23 33.69
C LEU B 261 -0.87 -23.39 33.68
N SER B 262 -0.78 -24.29 34.66
CA SER B 262 -1.65 -25.45 34.79
C SER B 262 -3.07 -25.04 35.08
N THR B 263 -3.24 -24.05 35.95
CA THR B 263 -4.55 -23.59 36.34
C THR B 263 -5.20 -22.87 35.20
N TYR B 264 -4.50 -21.88 34.61
CA TYR B 264 -5.03 -21.09 33.50
C TYR B 264 -5.38 -21.98 32.32
N THR B 265 -4.48 -22.90 31.92
CA THR B 265 -4.79 -23.75 30.76
C THR B 265 -5.88 -24.77 31.05
N PHE B 266 -5.99 -25.25 32.30
CA PHE B 266 -7.05 -26.19 32.63
C PHE B 266 -8.39 -25.46 32.66
N ALA B 267 -8.40 -24.25 33.20
CA ALA B 267 -9.59 -23.42 33.25
C ALA B 267 -10.06 -23.10 31.84
N MET B 268 -9.11 -22.84 30.90
CA MET B 268 -9.41 -22.61 29.50
C MET B 268 -10.04 -23.87 28.91
N LYS B 269 -9.45 -25.04 29.18
CA LYS B 269 -9.95 -26.32 28.71
C LYS B 269 -11.38 -26.57 29.19
N LEU B 270 -11.65 -26.21 30.44
CA LEU B 270 -12.93 -26.35 31.12
C LEU B 270 -14.02 -25.48 30.45
N THR B 271 -13.64 -24.29 29.91
CA THR B 271 -14.60 -23.43 29.21
C THR B 271 -15.08 -24.09 27.92
N SER B 272 -14.23 -24.87 27.25
CA SER B 272 -14.63 -25.55 26.01
C SER B 272 -15.24 -26.95 26.24
N ASP B 273 -15.55 -27.29 27.49
CA ASP B 273 -16.09 -28.58 27.86
C ASP B 273 -17.54 -28.74 27.45
N ALA B 274 -17.88 -29.92 26.89
CA ALA B 274 -19.23 -30.24 26.41
C ALA B 274 -20.23 -30.31 27.57
N ASN B 275 -19.84 -31.03 28.67
CA ASN B 275 -20.60 -31.23 29.91
C ASN B 275 -21.03 -29.86 30.45
N LEU B 276 -20.13 -28.85 30.35
CA LEU B 276 -20.38 -27.47 30.71
C LEU B 276 -21.27 -26.87 29.63
N LYS B 277 -22.58 -27.12 29.74
CA LYS B 277 -23.57 -26.58 28.80
C LYS B 277 -24.54 -25.58 29.49
N LYS B 278 -24.18 -25.09 30.70
CA LYS B 278 -24.96 -24.14 31.48
C LYS B 278 -24.52 -22.72 31.09
N SER B 279 -24.64 -22.40 29.79
CA SER B 279 -24.27 -21.10 29.22
C SER B 279 -25.42 -20.08 29.34
N HIS B 284 -22.22 -17.35 26.78
CA HIS B 284 -21.61 -17.01 25.49
C HIS B 284 -20.52 -15.93 25.61
N ASN B 285 -20.82 -14.82 26.32
CA ASN B 285 -19.87 -13.72 26.46
C ASN B 285 -19.84 -13.19 27.91
N GLY B 286 -18.64 -12.93 28.41
CA GLY B 286 -18.43 -12.42 29.77
C GLY B 286 -17.07 -12.72 30.38
N PHE B 287 -17.09 -13.20 31.63
CA PHE B 287 -15.87 -13.50 32.38
C PHE B 287 -15.96 -14.85 33.09
N PHE B 288 -14.81 -15.35 33.54
CA PHE B 288 -14.69 -16.58 34.28
C PHE B 288 -13.75 -16.29 35.44
N LEU B 289 -14.24 -16.48 36.68
CA LEU B 289 -13.47 -16.30 37.91
C LEU B 289 -12.82 -17.64 38.26
N VAL B 290 -11.57 -17.78 37.83
CA VAL B 290 -10.81 -19.01 38.08
C VAL B 290 -10.22 -18.97 39.48
N ARG B 291 -10.37 -20.08 40.23
CA ARG B 291 -9.85 -20.22 41.59
C ARG B 291 -9.32 -21.60 41.91
N MET B 292 -8.11 -21.68 42.48
CA MET B 292 -7.57 -22.92 43.02
C MET B 292 -7.79 -22.82 44.55
N ARG B 293 -8.39 -23.82 45.17
CA ARG B 293 -8.71 -23.79 46.60
C ARG B 293 -8.10 -24.94 47.37
N ASN B 294 -7.48 -24.65 48.48
CA ASN B 294 -6.94 -25.65 49.38
C ASN B 294 -7.81 -25.62 50.63
N ALA B 295 -8.98 -26.23 50.55
CA ALA B 295 -9.86 -26.34 51.70
C ALA B 295 -9.67 -27.70 52.40
N ILE B 296 -8.53 -28.41 52.16
CA ILE B 296 -8.28 -29.75 52.68
C ILE B 296 -8.20 -29.80 54.20
N THR B 297 -7.53 -28.82 54.82
CA THR B 297 -7.41 -28.77 56.28
C THR B 297 -8.57 -28.03 56.95
N LYS B 298 -9.18 -27.06 56.23
CA LYS B 298 -10.27 -26.25 56.75
C LYS B 298 -11.65 -26.91 56.72
N ASN B 299 -12.40 -26.76 57.81
CA ASN B 299 -13.74 -27.34 57.93
C ASN B 299 -14.80 -26.24 58.19
N ASP B 302 -17.40 -28.05 50.29
CA ASP B 302 -15.98 -27.88 49.93
C ASP B 302 -15.11 -27.97 51.19
N THR B 303 -15.20 -29.10 51.91
CA THR B 303 -14.44 -29.33 53.12
C THR B 303 -13.58 -30.57 52.92
N GLY B 304 -12.28 -30.46 53.18
CA GLY B 304 -11.33 -31.53 52.93
C GLY B 304 -11.12 -31.74 51.44
N LYS B 305 -11.25 -30.67 50.64
CA LYS B 305 -11.13 -30.77 49.19
C LYS B 305 -10.12 -29.81 48.62
N PHE B 306 -9.31 -30.28 47.65
CA PHE B 306 -8.41 -29.42 46.90
C PHE B 306 -9.04 -29.32 45.48
N LEU B 307 -9.29 -28.10 44.99
CA LEU B 307 -9.98 -27.98 43.70
C LEU B 307 -9.62 -26.80 42.85
N VAL B 308 -10.10 -26.76 41.62
CA VAL B 308 -10.01 -25.58 40.78
C VAL B 308 -11.42 -25.37 40.19
N SER B 309 -11.91 -24.15 40.35
CA SER B 309 -13.26 -23.79 39.93
C SER B 309 -13.28 -22.60 38.99
N VAL B 310 -14.23 -22.62 38.07
CA VAL B 310 -14.46 -21.50 37.19
C VAL B 310 -15.89 -21.04 37.48
N LYS B 311 -16.07 -19.75 37.71
CA LYS B 311 -17.40 -19.19 37.96
C LYS B 311 -17.71 -18.18 36.84
N PRO B 312 -18.73 -18.44 36.00
CA PRO B 312 -19.03 -17.50 34.92
C PRO B 312 -19.78 -16.25 35.36
N PHE B 313 -19.58 -15.17 34.63
CA PHE B 313 -20.24 -13.89 34.89
C PHE B 313 -20.65 -13.28 33.53
N ARG B 314 -21.78 -12.53 33.48
CA ARG B 314 -22.24 -11.86 32.25
C ARG B 314 -21.33 -10.67 31.93
N LYS B 315 -21.38 -10.16 30.71
CA LYS B 315 -20.46 -9.07 30.33
C LYS B 315 -20.78 -7.83 31.16
N LYS B 316 -22.05 -7.66 31.54
CA LYS B 316 -22.46 -6.44 32.28
C LYS B 316 -22.15 -6.57 33.78
N GLU B 317 -21.70 -7.74 34.23
CA GLU B 317 -21.48 -7.98 35.68
C GLU B 317 -19.99 -7.87 35.98
N SER B 318 -19.28 -7.06 35.20
CA SER B 318 -17.82 -6.90 35.35
C SER B 318 -17.46 -6.45 36.76
N GLU B 319 -18.33 -5.69 37.41
CA GLU B 319 -17.98 -5.14 38.75
C GLU B 319 -18.30 -6.17 39.84
N GLN B 320 -19.46 -6.82 39.76
CA GLN B 320 -19.69 -7.87 40.78
C GLN B 320 -18.58 -8.94 40.69
N ALA B 321 -18.10 -9.25 39.47
CA ALA B 321 -17.02 -10.21 39.26
C ALA B 321 -15.72 -9.73 39.90
N LEU B 322 -15.40 -8.43 39.74
CA LEU B 322 -14.22 -7.83 40.35
C LEU B 322 -14.32 -7.78 41.87
N GLN B 323 -15.54 -7.55 42.38
CA GLN B 323 -15.81 -7.53 43.82
C GLN B 323 -15.65 -8.91 44.45
N GLU B 324 -15.97 -9.96 43.70
CA GLU B 324 -15.81 -11.33 44.17
C GLU B 324 -14.34 -11.76 44.12
N LEU B 325 -13.60 -11.26 43.11
CA LEU B 325 -12.19 -11.53 42.93
C LEU B 325 -11.39 -10.89 44.07
N ASN B 326 -11.67 -9.61 44.37
CA ASN B 326 -10.95 -8.91 45.45
C ASN B 326 -11.32 -9.46 46.84
N LYS B 327 -12.50 -10.05 46.99
CA LYS B 327 -12.96 -10.65 48.24
C LYS B 327 -12.15 -11.92 48.62
N ASP B 328 -11.54 -12.58 47.62
CA ASP B 328 -10.77 -13.80 47.86
C ASP B 328 -9.39 -13.54 48.46
N ASP B 329 -8.90 -12.28 48.46
CA ASP B 329 -7.62 -11.95 49.10
C ASP B 329 -7.67 -12.24 50.61
N ALA B 330 -8.84 -12.10 51.22
CA ALA B 330 -9.08 -12.38 52.64
C ALA B 330 -9.13 -13.88 52.94
N ASP B 331 -9.47 -14.71 51.94
CA ASP B 331 -9.59 -16.17 52.06
C ASP B 331 -8.24 -16.89 51.95
N PRO B 332 -7.77 -17.51 53.05
CA PRO B 332 -6.48 -18.23 52.99
C PRO B 332 -6.54 -19.56 52.22
N GLU B 333 -7.74 -20.10 51.98
CA GLU B 333 -7.91 -21.32 51.19
C GLU B 333 -7.63 -21.03 49.70
N VAL B 334 -7.95 -19.82 49.23
CA VAL B 334 -7.72 -19.46 47.85
C VAL B 334 -6.21 -19.26 47.59
N LEU B 335 -5.62 -20.12 46.74
CA LEU B 335 -4.19 -20.07 46.37
C LEU B 335 -3.95 -19.32 45.06
N ILE B 336 -4.89 -19.42 44.14
CA ILE B 336 -4.85 -18.72 42.87
C ILE B 336 -6.27 -18.19 42.66
N ALA B 337 -6.38 -16.93 42.30
CA ALA B 337 -7.67 -16.32 42.02
C ALA B 337 -7.45 -15.34 40.92
N VAL B 338 -8.07 -15.57 39.76
CA VAL B 338 -7.87 -14.71 38.61
C VAL B 338 -9.15 -14.51 37.78
N LEU B 339 -9.29 -13.35 37.12
CA LEU B 339 -10.47 -13.04 36.33
C LEU B 339 -10.14 -13.04 34.83
N LEU B 340 -10.76 -13.97 34.08
CA LEU B 340 -10.50 -14.12 32.64
C LEU B 340 -11.66 -13.71 31.75
N ALA B 341 -11.39 -12.87 30.72
CA ALA B 341 -12.44 -12.49 29.78
C ALA B 341 -12.59 -13.61 28.76
N THR B 342 -13.83 -14.05 28.50
CA THR B 342 -14.08 -15.10 27.51
C THR B 342 -13.56 -14.78 26.11
N ASN B 343 -13.35 -13.48 25.77
CA ASN B 343 -12.81 -13.11 24.46
C ASN B 343 -11.32 -13.42 24.39
N ASN B 344 -10.61 -13.17 25.50
CA ASN B 344 -9.19 -13.48 25.65
C ASN B 344 -8.95 -15.00 25.58
N ILE B 345 -9.88 -15.78 26.16
CA ILE B 345 -9.80 -17.23 26.13
C ILE B 345 -9.95 -17.72 24.70
N LYS B 346 -10.99 -17.28 23.99
CA LYS B 346 -11.27 -17.71 22.62
C LYS B 346 -10.18 -17.31 21.62
N SER B 347 -9.61 -16.11 21.76
CA SER B 347 -8.57 -15.69 20.82
C SER B 347 -7.26 -16.45 21.04
N LEU B 348 -6.96 -16.80 22.31
CA LEU B 348 -5.76 -17.58 22.63
C LEU B 348 -5.91 -18.99 22.10
N LYS B 349 -7.13 -19.59 22.20
CA LYS B 349 -7.38 -20.92 21.68
C LYS B 349 -7.36 -20.94 20.14
N LYS B 350 -7.70 -19.81 19.50
CA LYS B 350 -7.68 -19.70 18.05
C LYS B 350 -6.25 -19.55 17.55
N ALA B 351 -5.45 -18.70 18.22
CA ALA B 351 -4.05 -18.45 17.85
C ALA B 351 -3.12 -19.60 18.27
N TYR B 352 -3.46 -20.31 19.34
CA TYR B 352 -2.63 -21.39 19.85
C TYR B 352 -3.44 -22.66 20.07
N PRO B 353 -3.85 -23.34 18.99
CA PRO B 353 -4.68 -24.54 19.14
C PRO B 353 -4.09 -25.65 20.01
N ASN B 354 -2.74 -25.77 20.06
CA ASN B 354 -2.10 -26.77 20.89
C ASN B 354 -1.59 -26.17 22.20
N TYR B 355 -2.31 -25.19 22.77
CA TYR B 355 -1.88 -24.52 23.99
C TYR B 355 -1.81 -25.47 25.20
N PHE B 356 -2.68 -26.51 25.25
CA PHE B 356 -2.71 -27.43 26.39
C PHE B 356 -1.40 -28.18 26.46
N GLY B 357 -1.03 -28.79 25.33
CA GLY B 357 0.21 -29.52 25.19
C GLY B 357 1.44 -28.65 25.29
N SER B 358 1.47 -27.47 24.61
CA SER B 358 2.62 -26.56 24.62
C SER B 358 2.97 -26.11 26.01
N THR B 359 1.94 -25.70 26.78
CA THR B 359 2.04 -25.26 28.15
C THR B 359 2.59 -26.37 29.03
N ASN B 360 2.08 -27.60 28.88
CA ASN B 360 2.57 -28.73 29.67
C ASN B 360 4.03 -29.04 29.35
N GLN B 361 4.41 -28.92 28.08
CA GLN B 361 5.77 -29.21 27.66
C GLN B 361 6.76 -28.13 28.21
N PHE B 362 6.28 -26.87 28.38
CA PHE B 362 7.09 -25.79 28.97
C PHE B 362 7.26 -26.01 30.48
N GLY B 363 6.22 -26.45 31.14
CA GLY B 363 6.25 -26.76 32.56
C GLY B 363 7.16 -27.94 32.85
N ARG B 364 7.16 -28.97 31.98
CA ARG B 364 8.05 -30.13 32.15
C ARG B 364 9.51 -29.65 31.98
N PHE B 365 9.75 -28.77 30.99
CA PHE B 365 11.06 -28.16 30.72
C PHE B 365 11.55 -27.41 31.96
N LEU B 366 10.67 -26.60 32.57
CA LEU B 366 10.97 -25.81 33.76
C LEU B 366 11.29 -26.73 34.93
N SER B 367 10.53 -27.83 35.07
CA SER B 367 10.71 -28.82 36.11
C SER B 367 12.02 -29.55 36.01
N ARG B 368 12.45 -29.90 34.80
CA ARG B 368 13.71 -30.63 34.69
C ARG B 368 14.94 -29.73 34.94
N HIS B 369 14.77 -28.39 34.88
CA HIS B 369 15.82 -27.41 35.17
C HIS B 369 15.84 -27.05 36.64
N ILE B 370 14.68 -26.94 37.26
CA ILE B 370 14.57 -26.64 38.69
C ILE B 370 14.54 -27.92 39.57
N ASP B 371 14.69 -29.12 38.98
CA ASP B 371 14.63 -30.43 39.66
C ASP B 371 13.32 -30.56 40.45
N THR B 372 12.21 -30.07 39.85
CA THR B 372 10.84 -30.02 40.38
C THR B 372 10.76 -29.22 41.69
#